data_8YR4
#
_entry.id   8YR4
#
_cell.length_a   1.00
_cell.length_b   1.00
_cell.length_c   1.00
_cell.angle_alpha   90.00
_cell.angle_beta   90.00
_cell.angle_gamma   90.00
#
_symmetry.space_group_name_H-M   'P 1'
#
loop_
_entity.id
_entity.type
_entity.pdbx_description
1 polymer 'ATP-binding cassette sub-family B member 6'
2 polymer 'Phytochelatin 2'
3 non-polymer 'CADMIUM ION'
#
loop_
_entity_poly.entity_id
_entity_poly.type
_entity_poly.pdbx_seq_one_letter_code
_entity_poly.pdbx_strand_id
1 'polypeptide(L)'
;APGLRPQSYTLQVHEEDQDVERSQVRSAAQQSTWRDFGRKLRLLSGYLWPRGSPALQLVVLICLGLMGLERALNVLVPIF
YRNIVNLLTEKAPWNSLAWTVTSYVFLKFLQGGGTGSTGFVSNLRTFLWIRVQQFTSRRVELLIFSHLHELSLRWHLGRR
TGEVLRIADRGTSSVTGLLSYLVFNVIPTLADIIIGIIYFSMFFNAWFGLIVFLCMSLYLTLTIVVTEWRTKFRRAMNTQ
ENATRARAVDSLLNFETVKYYNAESYEVERYREAIIKYQGLEWKSSASLVLLNQTQNLVIGLGLLAGSLLCAYFVTEQKL
QVGDYVLFGTYIIQLYMPLNWFGTYYRMIQTNFIDMENMFDLLKEETEVKDLPGAGPLRFQKGRIEFENVHFSYADGRET
LQDVSFTVMPGQTLALVGPSGAGKSTILRLLFRFYDISSGCIRIDGQDISQVTQASLRSHIGVVPQDTVLFNDTIADNIR
YGRVTAGNDEVEAAAQAAGIHDAIMAFPEGYRTQVGERGLKLSGGEKQRVAIARTILKAPGIILLDEATSALDTSNERAI
QASLAKVCANRTTIVVAHRLSTVVNADQILVIKDGCIVERGRHEALLSRGGVYADMWQLQQGQEETSEDTKPQTMER
;
A,B
2 'polypeptide(L)' (FGA)CECG C,D
#
# COMPACT_ATOMS: atom_id res chain seq x y z
N ASP A 36 -9.70 3.81 31.75
CA ASP A 36 -8.84 3.68 30.57
C ASP A 36 -8.39 5.05 30.08
N PHE A 37 -9.36 5.98 30.02
CA PHE A 37 -9.08 7.31 29.50
C PHE A 37 -8.02 8.01 30.34
N GLY A 38 -8.09 7.88 31.66
CA GLY A 38 -7.08 8.51 32.51
C GLY A 38 -5.69 7.97 32.26
N ARG A 39 -5.56 6.65 32.17
CA ARG A 39 -4.25 6.05 31.92
C ARG A 39 -3.68 6.49 30.57
N LYS A 40 -4.51 6.42 29.52
CA LYS A 40 -4.03 6.81 28.19
C LYS A 40 -3.67 8.28 28.14
N LEU A 41 -4.44 9.14 28.82
CA LEU A 41 -4.08 10.55 28.92
C LEU A 41 -2.76 10.72 29.67
N ARG A 42 -2.51 9.89 30.69
CA ARG A 42 -1.24 9.97 31.40
C ARG A 42 -0.08 9.64 30.49
N LEU A 43 -0.21 8.59 29.68
CA LEU A 43 0.85 8.26 28.73
C LEU A 43 1.06 9.38 27.71
N LEU A 44 -0.03 9.95 27.19
CA LEU A 44 0.10 11.06 26.25
C LEU A 44 0.81 12.24 26.89
N SER A 45 0.45 12.58 28.13
CA SER A 45 1.10 13.67 28.83
C SER A 45 2.58 13.40 29.04
N GLY A 46 2.91 12.15 29.38
CA GLY A 46 4.32 11.78 29.49
C GLY A 46 5.06 12.00 28.19
N TYR A 47 4.42 11.71 27.06
CA TYR A 47 5.06 11.94 25.77
C TYR A 47 5.04 13.41 25.34
N LEU A 48 4.25 14.26 25.98
CA LEU A 48 4.14 15.65 25.54
C LEU A 48 5.45 16.40 25.73
N TRP A 49 6.02 16.35 26.92
CA TRP A 49 7.16 17.20 27.26
C TRP A 49 8.45 16.63 26.67
N PRO A 50 9.18 17.41 25.85
CA PRO A 50 10.51 16.94 25.39
C PRO A 50 11.47 16.85 26.57
N ARG A 51 11.97 15.64 26.80
CA ARG A 51 12.76 15.39 28.01
C ARG A 51 14.16 15.96 27.90
N GLY A 52 14.77 15.90 26.71
CA GLY A 52 16.18 16.20 26.60
C GLY A 52 16.55 17.63 26.30
N SER A 53 15.96 18.21 25.25
CA SER A 53 16.49 19.53 24.91
C SER A 53 15.75 20.62 25.69
N PRO A 54 16.46 21.68 26.09
CA PRO A 54 15.78 22.80 26.74
C PRO A 54 15.19 23.78 25.73
N ALA A 55 15.77 23.85 24.54
CA ALA A 55 15.31 24.78 23.53
C ALA A 55 13.93 24.43 22.99
N LEU A 56 13.44 23.23 23.25
CA LEU A 56 12.11 22.83 22.77
C LEU A 56 11.02 23.05 23.80
N GLN A 57 11.34 22.98 25.10
CA GLN A 57 10.35 23.29 26.13
C GLN A 57 9.91 24.74 26.05
N LEU A 58 10.84 25.64 25.72
CA LEU A 58 10.47 27.04 25.49
C LEU A 58 9.46 27.15 24.35
N VAL A 59 9.67 26.38 23.28
CA VAL A 59 8.75 26.41 22.15
C VAL A 59 7.39 25.85 22.56
N VAL A 60 7.38 24.81 23.40
CA VAL A 60 6.12 24.25 23.88
C VAL A 60 5.35 25.29 24.69
N LEU A 61 6.05 25.99 25.57
CA LEU A 61 5.41 27.03 26.37
C LEU A 61 4.86 28.14 25.48
N ILE A 62 5.64 28.55 24.47
CA ILE A 62 5.17 29.58 23.56
C ILE A 62 3.92 29.13 22.82
N CYS A 63 3.89 27.87 22.39
CA CYS A 63 2.70 27.36 21.71
C CYS A 63 1.48 27.38 22.62
N LEU A 64 1.64 26.98 23.88
CA LEU A 64 0.51 27.03 24.80
C LEU A 64 0.04 28.47 25.02
N GLY A 65 0.99 29.40 25.14
CA GLY A 65 0.62 30.80 25.26
C GLY A 65 -0.14 31.30 24.05
N LEU A 66 0.27 30.87 22.86
CA LEU A 66 -0.43 31.26 21.64
C LEU A 66 -1.84 30.70 21.62
N MET A 67 -2.02 29.47 22.12
CA MET A 67 -3.37 28.92 22.22
C MET A 67 -4.24 29.78 23.14
N GLY A 68 -3.69 30.18 24.29
CA GLY A 68 -4.43 31.07 25.17
C GLY A 68 -4.78 32.38 24.52
N LEU A 69 -3.83 32.96 23.77
CA LEU A 69 -4.08 34.21 23.07
C LEU A 69 -5.18 34.04 22.03
N GLU A 70 -5.23 32.88 21.36
CA GLU A 70 -6.29 32.64 20.41
C GLU A 70 -7.65 32.59 21.10
N ARG A 71 -7.72 31.97 22.29
CA ARG A 71 -8.98 32.01 23.03
C ARG A 71 -9.37 33.44 23.37
N ALA A 72 -8.40 34.24 23.80
CA ALA A 72 -8.70 35.64 24.13
C ALA A 72 -9.22 36.40 22.91
N LEU A 73 -8.61 36.19 21.75
CA LEU A 73 -9.08 36.85 20.54
C LEU A 73 -10.47 36.38 20.15
N ASN A 74 -10.72 35.07 20.32
CA ASN A 74 -12.05 34.51 20.10
C ASN A 74 -13.10 35.25 20.91
N VAL A 75 -12.78 35.59 22.16
CA VAL A 75 -13.71 36.39 22.94
C VAL A 75 -13.77 37.82 22.42
N LEU A 76 -12.61 38.40 22.10
CA LEU A 76 -12.52 39.85 21.91
C LEU A 76 -13.22 40.32 20.64
N VAL A 77 -13.06 39.58 19.53
CA VAL A 77 -13.49 40.10 18.23
C VAL A 77 -14.97 40.47 18.18
N PRO A 78 -15.90 39.61 18.62
CA PRO A 78 -17.32 40.03 18.59
C PRO A 78 -17.59 41.28 19.41
N ILE A 79 -16.87 41.48 20.51
CA ILE A 79 -17.09 42.68 21.32
C ILE A 79 -16.74 43.93 20.52
N PHE A 80 -15.63 43.90 19.79
CA PHE A 80 -15.28 45.05 18.96
C PHE A 80 -16.26 45.23 17.81
N TYR A 81 -16.78 44.13 17.26
CA TYR A 81 -17.82 44.26 16.24
C TYR A 81 -19.05 44.98 16.80
N ARG A 82 -19.46 44.60 18.00
CA ARG A 82 -20.59 45.26 18.65
C ARG A 82 -20.30 46.73 18.90
N ASN A 83 -19.08 47.05 19.34
CA ASN A 83 -18.71 48.44 19.57
C ASN A 83 -18.78 49.24 18.28
N ILE A 84 -18.32 48.66 17.18
CA ILE A 84 -18.36 49.36 15.89
C ILE A 84 -19.80 49.64 15.49
N VAL A 85 -20.68 48.64 15.62
CA VAL A 85 -22.07 48.84 15.24
C VAL A 85 -22.72 49.90 16.12
N ASN A 86 -22.47 49.83 17.44
CA ASN A 86 -23.07 50.79 18.35
C ASN A 86 -22.61 52.21 18.05
N LEU A 87 -21.31 52.38 17.78
CA LEU A 87 -20.82 53.71 17.41
C LEU A 87 -21.43 54.18 16.10
N LEU A 88 -21.61 53.27 15.14
CA LEU A 88 -22.16 53.65 13.86
C LEU A 88 -23.61 54.09 13.97
N THR A 89 -24.39 53.46 14.85
CA THR A 89 -25.81 53.78 14.92
C THR A 89 -26.09 55.11 15.62
N GLU A 90 -25.13 55.67 16.36
CA GLU A 90 -25.34 56.92 17.09
C GLU A 90 -24.60 58.10 16.46
N LYS A 91 -24.28 58.02 15.16
CA LYS A 91 -23.67 59.11 14.42
C LYS A 91 -22.42 59.65 15.12
N ALA A 92 -21.43 58.78 15.25
CA ALA A 92 -20.16 59.15 15.85
C ALA A 92 -19.29 59.87 14.82
N PRO A 93 -18.35 60.70 15.28
CA PRO A 93 -17.44 61.38 14.34
C PRO A 93 -16.48 60.39 13.69
N TRP A 94 -15.81 60.88 12.64
CA TRP A 94 -15.05 60.00 11.76
C TRP A 94 -13.79 59.44 12.42
N ASN A 95 -13.17 60.20 13.33
CA ASN A 95 -11.88 59.79 13.87
C ASN A 95 -11.98 58.53 14.72
N SER A 96 -12.88 58.55 15.71
CA SER A 96 -13.03 57.38 16.58
C SER A 96 -13.49 56.17 15.80
N LEU A 97 -14.41 56.37 14.85
CA LEU A 97 -14.86 55.28 14.01
C LEU A 97 -13.71 54.69 13.21
N ALA A 98 -12.85 55.54 12.63
CA ALA A 98 -11.75 55.05 11.83
C ALA A 98 -10.78 54.22 12.67
N TRP A 99 -10.44 54.72 13.86
CA TRP A 99 -9.49 53.98 14.69
C TRP A 99 -10.10 52.66 15.18
N THR A 100 -11.38 52.67 15.56
CA THR A 100 -12.01 51.43 16.00
C THR A 100 -12.12 50.42 14.85
N VAL A 101 -12.44 50.89 13.64
CA VAL A 101 -12.51 50.00 12.50
C VAL A 101 -11.14 49.38 12.22
N THR A 102 -10.09 50.20 12.27
CA THR A 102 -8.75 49.66 12.06
C THR A 102 -8.40 48.61 13.10
N SER A 103 -8.73 48.88 14.37
CA SER A 103 -8.45 47.91 15.42
C SER A 103 -9.22 46.61 15.21
N TYR A 104 -10.50 46.72 14.83
CA TYR A 104 -11.29 45.51 14.60
C TYR A 104 -10.74 44.70 13.44
N VAL A 105 -10.33 45.38 12.37
CA VAL A 105 -9.76 44.66 11.23
C VAL A 105 -8.47 43.98 11.63
N PHE A 106 -7.64 44.64 12.44
CA PHE A 106 -6.41 44.02 12.90
C PHE A 106 -6.71 42.77 13.74
N LEU A 107 -7.69 42.86 14.63
CA LEU A 107 -8.04 41.70 15.45
C LEU A 107 -8.58 40.56 14.59
N LYS A 108 -9.39 40.89 13.58
CA LYS A 108 -9.89 39.88 12.66
C LYS A 108 -8.77 39.29 11.81
N PHE A 109 -7.68 40.02 11.62
CA PHE A 109 -6.52 39.45 10.95
C PHE A 109 -5.76 38.49 11.87
N LEU A 110 -5.56 38.88 13.13
CA LEU A 110 -4.88 37.99 14.08
C LEU A 110 -5.71 36.73 14.32
N GLN A 111 -6.97 36.89 14.68
CA GLN A 111 -7.89 35.77 14.68
C GLN A 111 -8.09 35.25 13.26
N GLY A 112 -8.38 33.97 13.14
CA GLY A 112 -8.62 33.40 11.82
C GLY A 112 -9.73 34.10 11.07
N GLY A 113 -9.43 34.59 9.86
CA GLY A 113 -10.48 35.13 9.01
C GLY A 113 -11.58 34.14 8.70
N GLY A 114 -11.26 32.84 8.79
CA GLY A 114 -12.24 31.79 8.71
C GLY A 114 -11.77 30.57 9.45
N THR A 115 -12.70 29.86 10.09
CA THR A 115 -12.53 28.54 10.71
C THR A 115 -11.32 28.44 11.65
N GLY A 116 -10.75 29.58 12.06
CA GLY A 116 -9.72 29.57 13.08
C GLY A 116 -8.37 29.01 12.66
N SER A 117 -8.35 28.23 11.59
CA SER A 117 -7.11 27.66 11.06
C SER A 117 -6.46 28.58 10.03
N THR A 118 -6.72 29.88 10.11
CA THR A 118 -6.30 30.82 9.09
C THR A 118 -5.52 32.01 9.61
N GLY A 119 -5.65 32.35 10.89
CA GLY A 119 -5.03 33.56 11.39
C GLY A 119 -3.52 33.45 11.50
N PHE A 120 -2.90 34.61 11.71
CA PHE A 120 -1.46 34.66 11.96
C PHE A 120 -1.11 33.84 13.20
N VAL A 121 -1.85 34.06 14.29
CA VAL A 121 -1.78 33.16 15.43
C VAL A 121 -2.39 31.83 15.04
N SER A 122 -1.87 30.76 15.65
CA SER A 122 -2.12 29.35 15.35
C SER A 122 -1.41 28.93 14.08
N ASN A 123 -0.97 29.89 13.27
CA ASN A 123 -0.05 29.54 12.18
C ASN A 123 1.38 29.64 12.65
N LEU A 124 1.70 30.67 13.44
CA LEU A 124 2.93 30.64 14.21
C LEU A 124 3.01 29.36 15.04
N ARG A 125 1.88 28.96 15.61
CA ARG A 125 1.83 27.74 16.41
C ARG A 125 2.09 26.50 15.57
N THR A 126 1.50 26.42 14.37
CA THR A 126 1.78 25.29 13.50
C THR A 126 3.26 25.21 13.14
N PHE A 127 3.88 26.35 12.88
CA PHE A 127 5.31 26.42 12.61
C PHE A 127 6.13 25.84 13.77
N LEU A 128 5.96 26.41 14.96
CA LEU A 128 6.75 25.97 16.10
C LEU A 128 6.45 24.52 16.47
N TRP A 129 5.21 24.07 16.30
CA TRP A 129 4.89 22.69 16.59
C TRP A 129 5.43 21.74 15.54
N ILE A 130 5.65 22.21 14.31
CA ILE A 130 6.39 21.42 13.35
C ILE A 130 7.75 21.09 13.94
N ARG A 131 8.43 22.15 14.40
CA ARG A 131 9.77 21.96 14.93
C ARG A 131 9.77 21.05 16.16
N VAL A 132 8.74 21.14 16.99
CA VAL A 132 8.69 20.28 18.19
C VAL A 132 8.34 18.85 17.83
N GLN A 133 7.33 18.63 16.98
CA GLN A 133 6.82 17.30 16.72
C GLN A 133 7.82 16.44 15.97
N GLN A 134 8.70 17.06 15.17
CA GLN A 134 9.73 16.25 14.50
C GLN A 134 10.57 15.48 15.52
N PHE A 135 10.87 16.11 16.66
CA PHE A 135 11.68 15.48 17.70
C PHE A 135 11.00 14.23 18.25
N THR A 136 9.73 14.35 18.63
CA THR A 136 9.01 13.20 19.18
C THR A 136 8.88 12.09 18.15
N SER A 137 8.58 12.44 16.90
CA SER A 137 8.47 11.42 15.86
C SER A 137 9.77 10.66 15.71
N ARG A 138 10.89 11.38 15.65
CA ARG A 138 12.19 10.72 15.51
C ARG A 138 12.48 9.81 16.70
N ARG A 139 12.24 10.30 17.91
CA ARG A 139 12.55 9.50 19.09
C ARG A 139 11.74 8.22 19.13
N VAL A 140 10.44 8.31 18.86
CA VAL A 140 9.60 7.12 18.89
C VAL A 140 10.02 6.13 17.81
N GLU A 141 10.25 6.62 16.58
CA GLU A 141 10.64 5.72 15.51
C GLU A 141 11.95 5.01 15.83
N LEU A 142 12.92 5.74 16.38
CA LEU A 142 14.20 5.11 16.70
C LEU A 142 14.08 4.14 17.85
N LEU A 143 13.23 4.41 18.85
CA LEU A 143 13.01 3.45 19.91
C LEU A 143 12.45 2.14 19.35
N ILE A 144 11.44 2.24 18.49
CA ILE A 144 10.84 1.04 17.93
C ILE A 144 11.86 0.28 17.09
N PHE A 145 12.63 0.99 16.26
CA PHE A 145 13.59 0.32 15.39
C PHE A 145 14.74 -0.30 16.18
N SER A 146 15.12 0.30 17.31
CA SER A 146 16.17 -0.28 18.14
C SER A 146 15.66 -1.43 18.98
N HIS A 147 14.35 -1.50 19.25
CA HIS A 147 13.83 -2.66 19.96
C HIS A 147 13.59 -3.83 19.01
N LEU A 148 13.19 -3.57 17.77
CA LEU A 148 12.90 -4.67 16.85
C LEU A 148 14.14 -5.47 16.48
N HIS A 149 15.33 -4.92 16.68
CA HIS A 149 16.57 -5.59 16.27
C HIS A 149 17.21 -6.40 17.38
N GLU A 150 16.58 -6.52 18.54
CA GLU A 150 17.14 -7.29 19.64
C GLU A 150 16.28 -8.47 20.06
N LEU A 151 15.09 -8.63 19.49
CA LEU A 151 14.25 -9.78 19.78
C LEU A 151 14.86 -11.04 19.20
N SER A 152 14.60 -12.17 19.85
CA SER A 152 15.18 -13.44 19.44
C SER A 152 14.63 -13.88 18.09
N LEU A 153 15.27 -14.91 17.52
CA LEU A 153 14.98 -15.31 16.14
C LEU A 153 13.57 -15.85 16.00
N ARG A 154 13.16 -16.76 16.91
CA ARG A 154 11.86 -17.40 16.78
C ARG A 154 10.74 -16.38 16.62
N TRP A 155 10.87 -15.24 17.31
CA TRP A 155 9.92 -14.15 17.16
C TRP A 155 9.87 -13.66 15.71
N HIS A 156 11.04 -13.52 15.08
CA HIS A 156 11.08 -12.99 13.72
C HIS A 156 10.67 -14.03 12.68
N LEU A 157 10.96 -15.31 12.92
CA LEU A 157 10.45 -16.34 12.02
C LEU A 157 8.95 -16.49 12.13
N GLY A 158 8.38 -16.22 13.31
CA GLY A 158 6.94 -16.34 13.48
C GLY A 158 6.14 -15.35 12.67
N ARG A 159 6.29 -14.06 12.96
CA ARG A 159 5.48 -13.02 12.33
C ARG A 159 6.13 -12.52 11.05
N ARG A 160 5.28 -12.05 10.13
CA ARG A 160 5.76 -11.47 8.90
C ARG A 160 6.37 -10.10 9.17
N THR A 161 6.94 -9.50 8.11
CA THR A 161 7.58 -8.20 8.26
C THR A 161 6.64 -7.04 7.93
N GLY A 162 5.74 -7.22 6.97
CA GLY A 162 4.83 -6.14 6.62
C GLY A 162 3.90 -5.76 7.74
N GLU A 163 3.32 -6.76 8.42
CA GLU A 163 2.42 -6.50 9.53
C GLU A 163 3.16 -5.80 10.68
N VAL A 164 4.34 -6.30 11.02
CA VAL A 164 5.08 -5.73 12.15
C VAL A 164 5.60 -4.34 11.85
N LEU A 165 5.85 -4.01 10.57
CA LEU A 165 6.23 -2.64 10.25
C LEU A 165 5.02 -1.73 10.17
N ARG A 166 3.88 -2.24 9.70
CA ARG A 166 2.66 -1.45 9.69
C ARG A 166 2.26 -1.05 11.10
N ILE A 167 2.38 -1.97 12.05
CA ILE A 167 2.01 -1.64 13.42
C ILE A 167 2.89 -0.50 13.95
N ALA A 168 4.19 -0.58 13.68
CA ALA A 168 5.11 0.45 14.18
C ALA A 168 4.84 1.81 13.55
N ASP A 169 4.69 1.84 12.23
CA ASP A 169 4.44 3.10 11.54
C ASP A 169 3.12 3.72 12.03
N ARG A 170 2.07 2.90 12.12
CA ARG A 170 0.80 3.40 12.60
C ARG A 170 0.90 3.85 14.05
N GLY A 171 1.74 3.19 14.86
CA GLY A 171 1.89 3.63 16.24
C GLY A 171 2.54 4.99 16.37
N THR A 172 3.61 5.24 15.61
CA THR A 172 4.23 6.56 15.66
C THR A 172 3.28 7.64 15.14
N SER A 173 2.58 7.35 14.04
CA SER A 173 1.59 8.30 13.55
C SER A 173 0.49 8.51 14.57
N SER A 174 0.14 7.46 15.32
CA SER A 174 -0.93 7.55 16.31
C SER A 174 -0.54 8.45 17.46
N VAL A 175 0.68 8.30 17.98
CA VAL A 175 1.10 9.15 19.09
C VAL A 175 1.15 10.61 18.64
N THR A 176 1.71 10.88 17.46
CA THR A 176 1.78 12.25 16.98
C THR A 176 0.38 12.84 16.79
N GLY A 177 -0.50 12.09 16.12
CA GLY A 177 -1.83 12.59 15.85
C GLY A 177 -2.66 12.76 17.11
N LEU A 178 -2.50 11.86 18.08
CA LEU A 178 -3.21 12.00 19.33
C LEU A 178 -2.81 13.29 20.04
N LEU A 179 -1.50 13.52 20.18
CA LEU A 179 -1.05 14.75 20.80
C LEU A 179 -1.64 15.96 20.10
N SER A 180 -1.46 16.03 18.77
CA SER A 180 -1.97 17.19 18.02
C SER A 180 -3.47 17.35 18.20
N TYR A 181 -4.23 16.34 17.75
CA TYR A 181 -5.70 16.38 17.82
C TYR A 181 -6.15 16.84 19.19
N LEU A 182 -5.85 16.06 20.24
CA LEU A 182 -6.37 16.40 21.56
C LEU A 182 -5.96 17.80 21.94
N VAL A 183 -4.66 18.01 22.13
CA VAL A 183 -4.19 19.21 22.83
C VAL A 183 -4.58 20.48 22.09
N PHE A 184 -4.54 20.46 20.75
CA PHE A 184 -4.72 21.70 20.01
C PHE A 184 -6.02 21.81 19.25
N ASN A 185 -6.92 20.81 19.33
CA ASN A 185 -8.18 20.91 18.61
C ASN A 185 -9.41 20.48 19.40
N VAL A 186 -9.27 19.78 20.52
CA VAL A 186 -10.43 19.29 21.25
C VAL A 186 -10.65 20.04 22.55
N ILE A 187 -9.60 20.23 23.34
CA ILE A 187 -9.71 20.97 24.59
C ILE A 187 -9.93 22.46 24.33
N PRO A 188 -9.29 23.08 23.32
CA PRO A 188 -9.62 24.48 23.03
C PRO A 188 -11.10 24.71 22.72
N THR A 189 -11.75 23.80 22.00
CA THR A 189 -13.16 24.00 21.66
C THR A 189 -14.05 23.85 22.89
N LEU A 190 -13.78 22.85 23.72
CA LEU A 190 -14.54 22.69 24.96
C LEU A 190 -14.27 23.83 25.94
N ALA A 191 -13.13 24.51 25.81
CA ALA A 191 -12.91 25.72 26.59
C ALA A 191 -13.68 26.90 26.01
N ASP A 192 -13.75 26.98 24.68
CA ASP A 192 -14.51 28.05 24.04
C ASP A 192 -15.98 27.98 24.41
N ILE A 193 -16.54 26.77 24.42
CA ILE A 193 -17.96 26.62 24.76
C ILE A 193 -18.23 27.11 26.18
N ILE A 194 -17.38 26.71 27.13
CA ILE A 194 -17.57 27.11 28.52
C ILE A 194 -17.40 28.62 28.67
N ILE A 195 -16.39 29.18 28.01
CA ILE A 195 -16.16 30.62 28.10
C ILE A 195 -17.34 31.39 27.55
N GLY A 196 -17.88 30.94 26.42
CA GLY A 196 -19.05 31.59 25.86
C GLY A 196 -20.26 31.48 26.77
N ILE A 197 -20.46 30.32 27.39
CA ILE A 197 -21.55 30.16 28.33
C ILE A 197 -21.42 31.17 29.45
N ILE A 198 -20.22 31.29 30.01
CA ILE A 198 -20.00 32.22 31.12
C ILE A 198 -20.27 33.66 30.67
N TYR A 199 -19.71 34.04 29.52
CA TYR A 199 -19.83 35.42 29.05
C TYR A 199 -21.29 35.77 28.81
N PHE A 200 -22.03 34.89 28.14
CA PHE A 200 -23.44 35.18 27.88
C PHE A 200 -24.25 35.21 29.16
N SER A 201 -24.01 34.25 30.07
CA SER A 201 -24.82 34.16 31.27
C SER A 201 -24.53 35.28 32.26
N MET A 202 -23.37 35.92 32.17
CA MET A 202 -23.04 36.96 33.15
C MET A 202 -23.07 38.38 32.59
N PHE A 203 -22.63 38.60 31.36
CA PHE A 203 -22.46 39.94 30.83
C PHE A 203 -23.50 40.30 29.78
N PHE A 204 -24.36 39.36 29.38
CA PHE A 204 -25.36 39.60 28.35
C PHE A 204 -26.77 39.52 28.90
N ASN A 205 -27.14 38.38 29.46
CA ASN A 205 -28.43 38.16 30.12
C ASN A 205 -28.37 36.78 30.78
N ALA A 206 -29.49 36.33 31.32
CA ALA A 206 -29.53 35.00 31.94
C ALA A 206 -29.98 33.91 30.98
N TRP A 207 -30.91 34.21 30.08
CA TRP A 207 -31.51 33.18 29.24
C TRP A 207 -30.59 32.73 28.12
N PHE A 208 -29.72 33.61 27.63
CA PHE A 208 -28.81 33.22 26.55
C PHE A 208 -27.84 32.14 27.02
N GLY A 209 -27.49 32.14 28.31
CA GLY A 209 -26.71 31.04 28.84
C GLY A 209 -27.41 29.71 28.67
N LEU A 210 -28.70 29.66 29.02
CA LEU A 210 -29.47 28.45 28.80
C LEU A 210 -29.52 28.07 27.33
N ILE A 211 -29.71 29.06 26.46
CA ILE A 211 -29.80 28.77 25.03
C ILE A 211 -28.52 28.12 24.53
N VAL A 212 -27.37 28.74 24.83
CA VAL A 212 -26.10 28.20 24.36
C VAL A 212 -25.81 26.85 24.98
N PHE A 213 -26.07 26.70 26.27
CA PHE A 213 -25.81 25.44 26.96
C PHE A 213 -26.61 24.30 26.34
N LEU A 214 -27.92 24.49 26.17
CA LEU A 214 -28.74 23.44 25.60
C LEU A 214 -28.33 23.13 24.17
N CYS A 215 -28.07 24.17 23.37
CA CYS A 215 -27.68 23.94 21.98
C CYS A 215 -26.42 23.10 21.89
N MET A 216 -25.38 23.48 22.64
CA MET A 216 -24.11 22.76 22.54
C MET A 216 -24.21 21.36 23.11
N SER A 217 -24.95 21.18 24.21
CA SER A 217 -25.12 19.85 24.78
C SER A 217 -25.80 18.92 23.79
N LEU A 218 -26.89 19.38 23.17
CA LEU A 218 -27.57 18.56 22.17
C LEU A 218 -26.65 18.26 21.00
N TYR A 219 -25.89 19.26 20.55
CA TYR A 219 -24.97 19.04 19.43
C TYR A 219 -24.00 17.92 19.73
N LEU A 220 -23.31 18.00 20.87
CA LEU A 220 -22.31 16.98 21.19
C LEU A 220 -22.93 15.61 21.36
N THR A 221 -24.06 15.54 22.08
CA THR A 221 -24.70 14.24 22.31
C THR A 221 -25.11 13.58 21.00
N LEU A 222 -25.80 14.33 20.13
CA LEU A 222 -26.24 13.77 18.87
C LEU A 222 -25.05 13.36 18.00
N THR A 223 -23.98 14.17 18.00
CA THR A 223 -22.81 13.83 17.20
C THR A 223 -22.24 12.48 17.61
N ILE A 224 -22.01 12.28 18.91
CA ILE A 224 -21.43 11.02 19.36
C ILE A 224 -22.36 9.85 19.04
N VAL A 225 -23.65 10.02 19.34
CA VAL A 225 -24.61 8.94 19.18
C VAL A 225 -24.69 8.49 17.72
N VAL A 226 -24.72 9.45 16.79
CA VAL A 226 -24.76 9.07 15.37
C VAL A 226 -23.41 8.51 14.91
N THR A 227 -22.30 9.01 15.47
CA THR A 227 -20.99 8.61 14.98
C THR A 227 -20.72 7.13 15.23
N GLU A 228 -21.14 6.60 16.37
CA GLU A 228 -20.90 5.18 16.61
C GLU A 228 -21.58 4.31 15.54
N TRP A 229 -22.87 4.57 15.30
CA TRP A 229 -23.63 3.90 14.24
C TRP A 229 -22.90 4.00 12.90
N ARG A 230 -22.47 5.21 12.56
CA ARG A 230 -21.82 5.39 11.26
C ARG A 230 -20.50 4.63 11.17
N THR A 231 -19.75 4.53 12.26
CA THR A 231 -18.48 3.79 12.18
C THR A 231 -18.73 2.30 11.99
N LYS A 232 -19.81 1.77 12.57
CA LYS A 232 -20.20 0.40 12.23
C LYS A 232 -20.37 0.24 10.72
N PHE A 233 -21.13 1.16 10.12
CA PHE A 233 -21.34 1.07 8.67
C PHE A 233 -20.02 1.18 7.90
N ARG A 234 -19.13 2.06 8.35
CA ARG A 234 -17.86 2.28 7.65
C ARG A 234 -17.01 1.02 7.63
N ARG A 235 -16.89 0.35 8.78
CA ARG A 235 -16.12 -0.90 8.81
C ARG A 235 -16.74 -1.93 7.86
N ALA A 236 -18.08 -2.04 7.89
CA ALA A 236 -18.74 -2.99 7.00
C ALA A 236 -18.39 -2.72 5.54
N MET A 237 -18.29 -1.44 5.15
CA MET A 237 -17.96 -1.13 3.76
C MET A 237 -16.49 -1.43 3.45
N ASN A 238 -15.60 -1.11 4.38
CA ASN A 238 -14.16 -1.25 4.10
C ASN A 238 -13.79 -2.71 3.84
N THR A 239 -14.40 -3.63 4.60
CA THR A 239 -14.08 -5.05 4.39
C THR A 239 -14.36 -5.46 2.94
N GLN A 240 -15.55 -5.10 2.43
CA GLN A 240 -15.90 -5.47 1.06
C GLN A 240 -15.03 -4.76 0.04
N GLU A 241 -14.60 -3.52 0.31
CA GLU A 241 -13.67 -2.88 -0.61
C GLU A 241 -12.39 -3.70 -0.76
N ASN A 242 -11.84 -4.14 0.38
CA ASN A 242 -10.64 -4.96 0.32
C ASN A 242 -10.88 -6.25 -0.46
N ALA A 243 -12.04 -6.88 -0.25
CA ALA A 243 -12.35 -8.11 -0.97
C ALA A 243 -12.40 -7.88 -2.48
N THR A 244 -13.03 -6.77 -2.91
CA THR A 244 -13.10 -6.48 -4.34
C THR A 244 -11.72 -6.27 -4.93
N ARG A 245 -10.86 -5.52 -4.22
CA ARG A 245 -9.51 -5.31 -4.72
C ARG A 245 -8.76 -6.63 -4.85
N ALA A 246 -8.93 -7.52 -3.87
CA ALA A 246 -8.27 -8.82 -3.95
C ALA A 246 -8.76 -9.62 -5.15
N ARG A 247 -10.06 -9.59 -5.42
CA ARG A 247 -10.60 -10.31 -6.57
C ARG A 247 -10.00 -9.79 -7.87
N ALA A 248 -9.92 -8.46 -8.01
CA ALA A 248 -9.34 -7.90 -9.22
C ALA A 248 -7.87 -8.29 -9.37
N VAL A 249 -7.11 -8.23 -8.28
CA VAL A 249 -5.69 -8.59 -8.33
C VAL A 249 -5.54 -10.04 -8.76
N ASP A 250 -6.36 -10.92 -8.19
CA ASP A 250 -6.28 -12.33 -8.53
C ASP A 250 -6.59 -12.56 -10.00
N SER A 251 -7.64 -11.93 -10.50
CA SER A 251 -8.00 -12.14 -11.90
C SER A 251 -6.94 -11.60 -12.85
N LEU A 252 -6.23 -10.53 -12.44
CA LEU A 252 -5.17 -10.01 -13.30
C LEU A 252 -3.94 -10.91 -13.28
N LEU A 253 -3.56 -11.42 -12.11
CA LEU A 253 -2.34 -12.21 -12.00
C LEU A 253 -2.42 -13.48 -12.83
N ASN A 254 -3.49 -14.26 -12.64
CA ASN A 254 -3.63 -15.54 -13.31
C ASN A 254 -4.20 -15.31 -14.71
N PHE A 255 -3.31 -15.12 -15.68
CA PHE A 255 -3.76 -15.08 -17.06
C PHE A 255 -3.93 -16.50 -17.59
N GLU A 256 -4.69 -17.29 -16.85
CA GLU A 256 -5.05 -18.66 -17.19
C GLU A 256 -6.51 -18.73 -17.63
N THR A 257 -7.28 -17.69 -17.35
CA THR A 257 -8.64 -17.47 -17.84
C THR A 257 -8.76 -17.85 -19.31
N VAL A 258 -7.78 -17.47 -20.13
CA VAL A 258 -7.80 -17.86 -21.53
C VAL A 258 -7.60 -19.36 -21.66
N LYS A 259 -6.90 -19.99 -20.72
CA LYS A 259 -6.47 -21.37 -20.88
C LYS A 259 -7.60 -22.35 -20.58
N TYR A 260 -8.09 -22.35 -19.33
CA TYR A 260 -9.06 -23.40 -18.97
C TYR A 260 -10.48 -23.11 -19.43
N TYR A 261 -10.69 -22.00 -20.15
CA TYR A 261 -11.98 -21.69 -20.77
C TYR A 261 -11.82 -20.44 -21.61
N ASN A 262 -12.91 -19.98 -22.22
CA ASN A 262 -13.00 -18.60 -22.68
C ASN A 262 -13.69 -17.76 -21.59
N ALA A 263 -13.12 -17.85 -20.39
CA ALA A 263 -13.76 -17.39 -19.17
C ALA A 263 -13.52 -15.91 -18.87
N GLU A 264 -13.23 -15.11 -19.89
CA GLU A 264 -13.12 -13.66 -19.66
C GLU A 264 -14.44 -13.10 -19.15
N SER A 265 -15.55 -13.52 -19.76
CA SER A 265 -16.87 -13.02 -19.37
C SER A 265 -17.20 -13.42 -17.94
N TYR A 266 -16.84 -14.63 -17.52
CA TYR A 266 -17.14 -15.07 -16.17
C TYR A 266 -16.42 -14.21 -15.14
N GLU A 267 -15.13 -13.94 -15.37
CA GLU A 267 -14.38 -13.07 -14.47
C GLU A 267 -14.97 -11.67 -14.46
N VAL A 268 -15.36 -11.15 -15.63
CA VAL A 268 -15.98 -9.83 -15.68
C VAL A 268 -17.25 -9.81 -14.84
N GLU A 269 -18.08 -10.84 -14.95
CA GLU A 269 -19.34 -10.86 -14.22
C GLU A 269 -19.13 -10.95 -12.71
N ARG A 270 -18.17 -11.78 -12.28
CA ARG A 270 -17.89 -11.85 -10.85
C ARG A 270 -17.38 -10.51 -10.33
N TYR A 271 -16.53 -9.84 -11.12
CA TYR A 271 -16.07 -8.51 -10.74
C TYR A 271 -17.24 -7.55 -10.61
N ARG A 272 -18.20 -7.61 -11.55
CA ARG A 272 -19.35 -6.72 -11.49
C ARG A 272 -20.19 -6.97 -10.25
N GLU A 273 -20.42 -8.24 -9.91
CA GLU A 273 -21.21 -8.54 -8.72
C GLU A 273 -20.53 -8.01 -7.46
N ALA A 274 -19.21 -8.23 -7.35
CA ALA A 274 -18.49 -7.72 -6.19
C ALA A 274 -18.57 -6.19 -6.13
N ILE A 275 -18.47 -5.53 -7.29
CA ILE A 275 -18.55 -4.08 -7.34
C ILE A 275 -19.92 -3.62 -6.82
N ILE A 276 -20.99 -4.30 -7.24
CA ILE A 276 -22.33 -3.90 -6.81
C ILE A 276 -22.47 -4.05 -5.30
N LYS A 277 -21.96 -5.14 -4.74
CA LYS A 277 -22.02 -5.32 -3.28
C LYS A 277 -21.29 -4.17 -2.57
N TYR A 278 -20.06 -3.90 -2.97
CA TYR A 278 -19.31 -2.80 -2.37
C TYR A 278 -20.06 -1.49 -2.51
N GLN A 279 -20.77 -1.32 -3.62
CA GLN A 279 -21.41 -0.04 -3.90
C GLN A 279 -22.61 0.16 -3.00
N GLY A 280 -23.37 -0.91 -2.75
CA GLY A 280 -24.45 -0.82 -1.79
C GLY A 280 -23.96 -0.45 -0.41
N LEU A 281 -22.88 -1.09 0.04
CA LEU A 281 -22.34 -0.74 1.35
C LEU A 281 -21.88 0.72 1.39
N GLU A 282 -21.24 1.19 0.32
CA GLU A 282 -20.78 2.57 0.27
C GLU A 282 -21.96 3.55 0.34
N TRP A 283 -23.05 3.23 -0.37
CA TRP A 283 -24.22 4.09 -0.32
C TRP A 283 -24.76 4.18 1.10
N LYS A 284 -24.85 3.06 1.80
CA LYS A 284 -25.32 3.10 3.18
C LYS A 284 -24.44 4.00 4.04
N SER A 285 -23.12 3.82 3.95
CA SER A 285 -22.21 4.60 4.79
C SER A 285 -22.35 6.10 4.53
N SER A 286 -22.36 6.49 3.25
CA SER A 286 -22.36 7.91 2.96
C SER A 286 -23.72 8.55 3.22
N ALA A 287 -24.81 7.80 3.09
CA ALA A 287 -26.10 8.32 3.53
C ALA A 287 -26.10 8.58 5.04
N SER A 288 -25.47 7.68 5.80
CA SER A 288 -25.33 7.95 7.23
C SER A 288 -24.55 9.24 7.48
N LEU A 289 -23.49 9.48 6.70
CA LEU A 289 -22.75 10.73 6.83
C LEU A 289 -23.64 11.94 6.58
N VAL A 290 -24.45 11.89 5.54
CA VAL A 290 -25.34 13.01 5.23
C VAL A 290 -26.33 13.23 6.38
N LEU A 291 -26.85 12.16 6.96
CA LEU A 291 -27.76 12.30 8.09
C LEU A 291 -27.08 12.99 9.27
N LEU A 292 -25.84 12.63 9.56
CA LEU A 292 -25.11 13.28 10.65
C LEU A 292 -24.95 14.77 10.39
N ASN A 293 -24.57 15.12 9.15
CA ASN A 293 -24.44 16.54 8.81
C ASN A 293 -25.75 17.27 9.02
N GLN A 294 -26.86 16.67 8.58
CA GLN A 294 -28.15 17.35 8.68
C GLN A 294 -28.58 17.54 10.13
N THR A 295 -28.36 16.54 10.99
CA THR A 295 -28.79 16.71 12.38
C THR A 295 -27.95 17.79 13.07
N GLN A 296 -26.64 17.84 12.80
CA GLN A 296 -25.84 18.90 13.38
C GLN A 296 -26.33 20.27 12.91
N ASN A 297 -26.60 20.40 11.61
CA ASN A 297 -27.06 21.68 11.08
C ASN A 297 -28.39 22.08 11.69
N LEU A 298 -29.31 21.12 11.87
CA LEU A 298 -30.60 21.43 12.45
C LEU A 298 -30.47 21.92 13.89
N VAL A 299 -29.59 21.28 14.66
CA VAL A 299 -29.41 21.71 16.05
C VAL A 299 -28.88 23.15 16.08
N ILE A 300 -27.86 23.44 15.28
CA ILE A 300 -27.31 24.80 15.30
C ILE A 300 -28.35 25.81 14.81
N GLY A 301 -29.18 25.41 13.85
CA GLY A 301 -30.20 26.32 13.35
C GLY A 301 -31.27 26.63 14.39
N LEU A 302 -31.70 25.62 15.13
CA LEU A 302 -32.66 25.86 16.21
C LEU A 302 -32.09 26.80 17.25
N GLY A 303 -30.83 26.57 17.65
CA GLY A 303 -30.20 27.47 18.61
C GLY A 303 -30.14 28.90 18.10
N LEU A 304 -29.73 29.06 16.85
CA LEU A 304 -29.64 30.40 16.27
C LEU A 304 -31.01 31.07 16.21
N LEU A 305 -32.04 30.33 15.83
CA LEU A 305 -33.38 30.91 15.75
C LEU A 305 -33.86 31.40 17.10
N ALA A 306 -33.73 30.56 18.13
CA ALA A 306 -34.19 30.96 19.46
C ALA A 306 -33.43 32.20 19.93
N GLY A 307 -32.10 32.18 19.80
CA GLY A 307 -31.32 33.31 20.26
C GLY A 307 -31.64 34.59 19.52
N SER A 308 -31.76 34.52 18.19
CA SER A 308 -32.04 35.72 17.40
C SER A 308 -33.40 36.29 17.73
N LEU A 309 -34.42 35.44 17.87
CA LEU A 309 -35.76 35.94 18.19
C LEU A 309 -35.76 36.62 19.55
N LEU A 310 -35.15 35.99 20.55
CA LEU A 310 -35.12 36.59 21.88
C LEU A 310 -34.36 37.92 21.87
N CYS A 311 -33.23 37.97 21.15
CA CYS A 311 -32.45 39.19 21.11
C CYS A 311 -33.20 40.32 20.42
N ALA A 312 -33.90 40.01 19.33
CA ALA A 312 -34.67 41.04 18.65
C ALA A 312 -35.79 41.56 19.53
N TYR A 313 -36.50 40.66 20.22
CA TYR A 313 -37.57 41.11 21.12
C TYR A 313 -37.01 42.00 22.22
N PHE A 314 -35.86 41.62 22.79
CA PHE A 314 -35.28 42.44 23.84
C PHE A 314 -34.81 43.79 23.32
N VAL A 315 -34.29 43.84 22.09
CA VAL A 315 -33.86 45.12 21.53
C VAL A 315 -35.06 46.04 21.33
N THR A 316 -36.18 45.50 20.83
CA THR A 316 -37.37 46.32 20.65
C THR A 316 -37.84 46.92 21.96
N GLU A 317 -37.62 46.21 23.08
CA GLU A 317 -38.06 46.65 24.39
C GLU A 317 -37.04 47.52 25.10
N GLN A 318 -36.06 48.06 24.39
CA GLN A 318 -35.05 48.98 24.92
C GLN A 318 -34.21 48.36 26.03
N LYS A 319 -34.08 47.04 26.06
CA LYS A 319 -33.23 46.39 27.05
C LYS A 319 -31.82 46.13 26.53
N LEU A 320 -31.68 45.85 25.24
CA LEU A 320 -30.39 45.59 24.62
C LEU A 320 -30.16 46.58 23.49
N GLN A 321 -28.90 46.77 23.13
CA GLN A 321 -28.54 47.67 22.05
C GLN A 321 -28.54 46.92 20.71
N VAL A 322 -28.43 47.68 19.63
CA VAL A 322 -28.47 47.10 18.29
C VAL A 322 -27.31 46.16 18.07
N GLY A 323 -26.14 46.49 18.62
CA GLY A 323 -24.95 45.67 18.39
C GLY A 323 -25.00 44.31 19.05
N ASP A 324 -25.85 44.14 20.07
CA ASP A 324 -25.93 42.85 20.74
C ASP A 324 -26.44 41.77 19.78
N TYR A 325 -27.29 42.14 18.84
CA TYR A 325 -27.80 41.19 17.86
C TYR A 325 -26.67 40.62 17.01
N VAL A 326 -25.85 41.49 16.43
CA VAL A 326 -24.74 41.02 15.60
C VAL A 326 -23.71 40.31 16.46
N LEU A 327 -23.55 40.73 17.71
CA LEU A 327 -22.66 40.00 18.62
C LEU A 327 -23.10 38.55 18.76
N PHE A 328 -24.38 38.33 19.05
CA PHE A 328 -24.88 36.97 19.23
C PHE A 328 -24.73 36.16 17.96
N GLY A 329 -25.09 36.75 16.81
CA GLY A 329 -24.99 36.01 15.56
C GLY A 329 -23.55 35.59 15.26
N THR A 330 -22.63 36.55 15.36
CA THR A 330 -21.23 36.27 15.06
C THR A 330 -20.67 35.24 16.03
N TYR A 331 -21.01 35.34 17.31
CA TYR A 331 -20.44 34.41 18.28
C TYR A 331 -21.00 33.00 18.09
N ILE A 332 -22.28 32.89 17.72
CA ILE A 332 -22.83 31.57 17.46
C ILE A 332 -22.16 30.93 16.25
N ILE A 333 -21.96 31.70 15.18
CA ILE A 333 -21.26 31.15 14.01
C ILE A 333 -19.84 30.74 14.39
N GLN A 334 -19.18 31.57 15.20
CA GLN A 334 -17.81 31.31 15.62
C GLN A 334 -17.71 30.04 16.46
N LEU A 335 -18.69 29.80 17.34
CA LEU A 335 -18.74 28.54 18.07
C LEU A 335 -18.99 27.37 17.12
N TYR A 336 -19.88 27.57 16.14
CA TYR A 336 -20.25 26.46 15.26
C TYR A 336 -19.05 25.97 14.45
N MET A 337 -18.24 26.91 13.94
CA MET A 337 -17.26 26.51 12.93
C MET A 337 -16.30 25.42 13.38
N PRO A 338 -15.66 25.50 14.56
CA PRO A 338 -14.83 24.36 14.99
C PRO A 338 -15.62 23.09 15.26
N LEU A 339 -16.88 23.22 15.67
CA LEU A 339 -17.69 22.05 16.05
C LEU A 339 -18.06 21.19 14.85
N ASN A 340 -17.80 21.65 13.63
CA ASN A 340 -18.18 20.91 12.43
C ASN A 340 -17.39 19.62 12.26
N TRP A 341 -16.33 19.41 13.02
CA TRP A 341 -15.41 18.29 12.81
C TRP A 341 -15.21 17.50 14.09
N PHE A 342 -16.29 17.16 14.79
CA PHE A 342 -16.12 16.40 16.02
C PHE A 342 -16.40 14.91 15.86
N GLY A 343 -17.26 14.51 14.92
CA GLY A 343 -17.38 13.09 14.62
C GLY A 343 -16.06 12.52 14.12
N THR A 344 -15.40 13.25 13.23
CA THR A 344 -14.09 12.83 12.74
C THR A 344 -13.08 12.72 13.88
N TYR A 345 -13.09 13.70 14.79
CA TYR A 345 -12.13 13.67 15.89
C TYR A 345 -12.42 12.52 16.84
N TYR A 346 -13.70 12.22 17.09
CA TYR A 346 -14.05 11.06 17.91
C TYR A 346 -13.52 9.77 17.29
N ARG A 347 -13.81 9.58 16.00
CA ARG A 347 -13.35 8.38 15.30
C ARG A 347 -11.83 8.27 15.36
N MET A 348 -11.13 9.36 15.04
CA MET A 348 -9.67 9.31 14.98
C MET A 348 -9.07 9.10 16.36
N ILE A 349 -9.65 9.69 17.40
CA ILE A 349 -9.13 9.50 18.74
C ILE A 349 -9.25 8.03 19.14
N GLN A 350 -10.40 7.42 18.87
CA GLN A 350 -10.55 6.00 19.22
C GLN A 350 -9.56 5.13 18.45
N THR A 351 -9.46 5.35 17.13
CA THR A 351 -8.58 4.51 16.32
C THR A 351 -7.12 4.69 16.72
N ASN A 352 -6.71 5.92 17.02
CA ASN A 352 -5.33 6.15 17.41
C ASN A 352 -5.05 5.60 18.81
N PHE A 353 -6.04 5.60 19.69
CA PHE A 353 -5.83 4.98 21.01
C PHE A 353 -5.58 3.49 20.87
N ILE A 354 -6.39 2.80 20.06
CA ILE A 354 -6.16 1.36 19.92
C ILE A 354 -4.83 1.10 19.20
N ASP A 355 -4.48 1.95 18.24
CA ASP A 355 -3.20 1.77 17.54
C ASP A 355 -2.02 1.96 18.48
N MET A 356 -2.09 3.00 19.32
CA MET A 356 -1.02 3.25 20.27
C MET A 356 -0.92 2.13 21.29
N GLU A 357 -2.06 1.54 21.67
CA GLU A 357 -1.99 0.39 22.57
C GLU A 357 -1.30 -0.79 21.90
N ASN A 358 -1.58 -1.01 20.60
CA ASN A 358 -0.86 -2.06 19.88
C ASN A 358 0.65 -1.80 19.88
N MET A 359 1.05 -0.55 19.60
CA MET A 359 2.47 -0.22 19.57
C MET A 359 3.12 -0.43 20.93
N PHE A 360 2.43 0.00 22.00
CA PHE A 360 2.96 -0.20 23.35
C PHE A 360 3.07 -1.68 23.70
N ASP A 361 2.10 -2.49 23.27
CA ASP A 361 2.12 -3.90 23.59
C ASP A 361 3.14 -4.69 22.77
N LEU A 362 3.63 -4.15 21.65
CA LEU A 362 4.81 -4.76 21.06
C LEU A 362 6.11 -4.15 21.58
N LEU A 363 6.07 -2.93 22.12
CA LEU A 363 7.24 -2.39 22.81
C LEU A 363 7.50 -3.09 24.14
N LYS A 364 6.46 -3.59 24.79
CA LYS A 364 6.60 -4.33 26.03
C LYS A 364 6.94 -5.80 25.81
N GLU A 365 6.80 -6.30 24.58
CA GLU A 365 7.04 -7.71 24.30
C GLU A 365 8.54 -7.95 24.39
N GLU A 366 9.00 -8.13 25.63
CA GLU A 366 10.39 -8.46 25.91
C GLU A 366 10.56 -9.97 25.83
N THR A 367 10.50 -10.48 24.60
CA THR A 367 10.73 -11.90 24.32
C THR A 367 12.15 -12.09 23.80
N GLU A 368 13.12 -11.89 24.70
CA GLU A 368 14.53 -12.10 24.40
C GLU A 368 15.02 -13.46 24.91
N VAL A 369 14.20 -14.49 24.81
CA VAL A 369 14.37 -15.78 25.50
C VAL A 369 15.82 -16.27 25.49
N LYS A 370 16.57 -15.94 24.43
CA LYS A 370 18.00 -16.23 24.38
C LYS A 370 18.77 -15.01 24.89
N ASP A 371 18.53 -14.69 26.17
CA ASP A 371 19.05 -13.48 26.77
C ASP A 371 20.48 -13.71 27.27
N LEU A 372 20.99 -12.76 28.06
CA LEU A 372 22.38 -12.74 28.51
C LEU A 372 22.43 -12.68 30.02
N PRO A 373 22.43 -13.83 30.71
CA PRO A 373 22.70 -13.82 32.15
C PRO A 373 24.19 -13.81 32.43
N GLY A 374 24.68 -12.74 33.05
CA GLY A 374 26.11 -12.58 33.25
C GLY A 374 26.78 -11.87 32.08
N ALA A 375 28.09 -11.71 32.20
CA ALA A 375 28.88 -10.99 31.19
C ALA A 375 30.27 -11.60 31.14
N GLY A 376 31.19 -10.91 30.47
CA GLY A 376 32.54 -11.38 30.31
C GLY A 376 32.78 -11.94 28.92
N PRO A 377 33.59 -11.26 28.12
CA PRO A 377 33.81 -11.68 26.74
C PRO A 377 34.48 -13.05 26.65
N LEU A 378 34.12 -13.79 25.61
CA LEU A 378 34.70 -15.11 25.39
C LEU A 378 36.17 -14.98 25.04
N ARG A 379 37.00 -15.81 25.68
CA ARG A 379 38.45 -15.81 25.47
C ARG A 379 38.76 -16.80 24.36
N PHE A 380 38.95 -16.31 23.14
CA PHE A 380 39.17 -17.18 21.98
C PHE A 380 40.66 -17.45 21.83
N GLN A 381 41.14 -18.44 22.61
CA GLN A 381 42.53 -18.84 22.50
C GLN A 381 42.81 -19.47 21.14
N LYS A 382 42.21 -20.62 20.84
CA LYS A 382 42.46 -21.30 19.57
C LYS A 382 41.20 -21.77 18.84
N GLY A 383 40.11 -22.08 19.53
CA GLY A 383 38.90 -22.47 18.82
C GLY A 383 38.42 -23.89 19.05
N ARG A 384 38.64 -24.43 20.24
CA ARG A 384 38.18 -25.78 20.56
C ARG A 384 36.69 -25.76 20.89
N ILE A 385 35.92 -26.58 20.18
CA ILE A 385 34.48 -26.66 20.36
C ILE A 385 34.14 -28.02 20.99
N GLU A 386 33.25 -28.00 21.98
CA GLU A 386 32.87 -29.20 22.70
C GLU A 386 31.36 -29.37 22.70
N PHE A 387 30.92 -30.60 22.92
CA PHE A 387 29.50 -30.94 22.95
C PHE A 387 29.28 -32.05 23.95
N GLU A 388 28.15 -32.01 24.65
CA GLU A 388 27.81 -33.03 25.66
C GLU A 388 26.32 -33.29 25.60
N ASN A 389 25.93 -34.34 24.88
CA ASN A 389 24.57 -34.90 24.85
C ASN A 389 23.50 -33.80 24.90
N VAL A 390 23.67 -32.79 24.04
CA VAL A 390 22.77 -31.64 24.05
C VAL A 390 21.37 -32.07 23.64
N HIS A 391 20.37 -31.50 24.31
CA HIS A 391 18.98 -31.74 24.00
C HIS A 391 18.35 -30.44 23.52
N PHE A 392 17.78 -30.47 22.32
CA PHE A 392 17.18 -29.28 21.73
C PHE A 392 15.93 -29.68 20.95
N SER A 393 14.88 -28.87 21.06
CA SER A 393 13.63 -29.15 20.36
C SER A 393 12.89 -27.82 20.17
N TYR A 394 12.92 -27.30 18.94
CA TYR A 394 12.16 -26.10 18.62
C TYR A 394 10.80 -26.39 18.00
N ALA A 395 10.69 -27.48 17.23
CA ALA A 395 9.40 -27.92 16.74
C ALA A 395 8.63 -28.60 17.88
N ASP A 396 7.36 -28.23 18.03
CA ASP A 396 6.58 -28.75 19.14
C ASP A 396 6.35 -30.25 19.00
N GLY A 397 6.34 -30.93 20.15
CA GLY A 397 6.13 -32.37 20.19
C GLY A 397 7.40 -33.16 19.98
N ARG A 398 7.88 -33.22 18.74
CA ARG A 398 9.09 -33.98 18.44
C ARG A 398 10.32 -33.22 18.90
N GLU A 399 11.38 -33.97 19.19
CA GLU A 399 12.67 -33.40 19.55
C GLU A 399 13.70 -33.78 18.49
N THR A 400 14.54 -32.81 18.11
CA THR A 400 15.47 -33.00 17.00
C THR A 400 16.83 -33.49 17.48
N LEU A 401 17.48 -32.74 18.36
CA LEU A 401 18.83 -33.07 18.81
C LEU A 401 18.77 -33.71 20.19
N GLN A 402 19.25 -34.95 20.29
CA GLN A 402 19.35 -35.65 21.56
C GLN A 402 20.62 -36.49 21.58
N ASP A 403 21.29 -36.48 22.73
CA ASP A 403 22.51 -37.26 22.97
C ASP A 403 23.51 -37.09 21.83
N VAL A 404 23.92 -35.84 21.62
CA VAL A 404 24.87 -35.48 20.57
C VAL A 404 26.09 -34.86 21.23
N SER A 405 27.25 -35.44 20.98
CA SER A 405 28.50 -34.97 21.57
C SER A 405 29.65 -35.27 20.63
N PHE A 406 30.45 -34.25 20.34
CA PHE A 406 31.64 -34.41 19.51
C PHE A 406 32.62 -33.29 19.86
N THR A 407 33.78 -33.32 19.20
CA THR A 407 34.85 -32.38 19.51
C THR A 407 35.70 -32.17 18.27
N VAL A 408 36.13 -30.93 18.06
CA VAL A 408 37.01 -30.57 16.95
C VAL A 408 38.28 -29.97 17.51
N MET A 409 39.42 -30.48 17.07
CA MET A 409 40.70 -29.90 17.42
C MET A 409 40.88 -28.56 16.68
N PRO A 410 41.63 -27.63 17.26
CA PRO A 410 41.90 -26.36 16.56
C PRO A 410 42.51 -26.61 15.19
N GLY A 411 41.98 -25.91 14.18
CA GLY A 411 42.39 -26.07 12.82
C GLY A 411 41.74 -27.22 12.07
N GLN A 412 41.36 -28.28 12.79
CA GLN A 412 40.78 -29.44 12.15
C GLN A 412 39.40 -29.11 11.59
N THR A 413 39.04 -29.78 10.50
CA THR A 413 37.80 -29.56 9.79
C THR A 413 36.85 -30.73 10.02
N LEU A 414 35.62 -30.43 10.44
CA LEU A 414 34.58 -31.43 10.65
C LEU A 414 33.49 -31.25 9.61
N ALA A 415 32.97 -32.37 9.12
CA ALA A 415 31.89 -32.37 8.14
C ALA A 415 30.66 -33.05 8.73
N LEU A 416 29.50 -32.72 8.18
CA LEU A 416 28.23 -33.29 8.60
C LEU A 416 27.47 -33.73 7.35
N VAL A 417 27.08 -35.00 7.30
CA VAL A 417 26.34 -35.54 6.17
C VAL A 417 25.14 -36.32 6.69
N GLY A 418 24.14 -36.47 5.83
CA GLY A 418 22.95 -37.19 6.17
C GLY A 418 21.79 -36.84 5.25
N PRO A 419 20.60 -37.36 5.57
CA PRO A 419 19.42 -37.04 4.77
C PRO A 419 19.05 -35.57 4.88
N SER A 420 18.40 -35.07 3.83
CA SER A 420 17.94 -33.69 3.83
C SER A 420 16.96 -33.46 4.97
N GLY A 421 17.17 -32.38 5.71
CA GLY A 421 16.36 -32.09 6.88
C GLY A 421 16.75 -30.79 7.54
N ALA A 422 16.87 -30.79 8.87
CA ALA A 422 17.21 -29.59 9.60
C ALA A 422 18.34 -29.76 10.61
N GLY A 423 18.72 -30.99 10.95
CA GLY A 423 19.64 -31.20 12.06
C GLY A 423 20.98 -30.50 11.88
N LYS A 424 21.54 -30.56 10.67
CA LYS A 424 22.83 -29.91 10.41
C LYS A 424 22.72 -28.40 10.56
N SER A 425 21.77 -27.78 9.86
CA SER A 425 21.57 -26.35 10.00
C SER A 425 21.15 -25.99 11.42
N THR A 426 20.39 -26.88 12.07
CA THR A 426 20.00 -26.63 13.45
C THR A 426 21.21 -26.53 14.36
N ILE A 427 22.14 -27.49 14.26
CA ILE A 427 23.32 -27.47 15.11
C ILE A 427 24.20 -26.27 14.77
N LEU A 428 24.25 -25.89 13.49
CA LEU A 428 24.98 -24.68 13.11
C LEU A 428 24.38 -23.46 13.80
N ARG A 429 23.06 -23.37 13.86
CA ARG A 429 22.41 -22.26 14.55
C ARG A 429 22.68 -22.32 16.06
N LEU A 430 22.64 -23.52 16.66
CA LEU A 430 22.91 -23.63 18.09
C LEU A 430 24.30 -23.14 18.44
N LEU A 431 25.30 -23.48 17.60
CA LEU A 431 26.65 -23.05 17.91
C LEU A 431 26.78 -21.53 17.91
N PHE A 432 25.94 -20.84 17.14
CA PHE A 432 26.03 -19.39 17.02
C PHE A 432 25.22 -18.64 18.08
N ARG A 433 24.60 -19.36 19.01
CA ARG A 433 23.77 -18.77 20.07
C ARG A 433 22.58 -18.03 19.48
N PHE A 434 21.79 -18.75 18.69
CA PHE A 434 20.52 -18.25 18.18
C PHE A 434 19.36 -18.74 19.04
N TYR A 435 19.30 -20.03 19.31
CA TYR A 435 18.37 -20.62 20.25
C TYR A 435 19.14 -21.03 21.51
N ASP A 436 18.44 -21.70 22.42
CA ASP A 436 19.03 -22.14 23.67
C ASP A 436 18.89 -23.66 23.80
N ILE A 437 19.86 -24.26 24.49
CA ILE A 437 19.85 -25.70 24.72
C ILE A 437 18.91 -26.02 25.85
N SER A 438 17.97 -26.94 25.61
CA SER A 438 17.03 -27.33 26.66
C SER A 438 17.76 -28.01 27.81
N SER A 439 18.69 -28.91 27.51
CA SER A 439 19.47 -29.58 28.54
C SER A 439 20.77 -30.06 27.91
N GLY A 440 21.86 -29.96 28.67
CA GLY A 440 23.16 -30.39 28.18
C GLY A 440 24.25 -29.37 28.43
N CYS A 441 25.26 -29.34 27.56
CA CYS A 441 26.40 -28.45 27.74
C CYS A 441 27.05 -28.22 26.38
N ILE A 442 27.47 -26.99 26.13
CA ILE A 442 28.17 -26.65 24.90
C ILE A 442 29.20 -25.58 25.19
N ARG A 443 30.47 -25.86 24.88
CA ARG A 443 31.57 -25.01 25.28
C ARG A 443 32.45 -24.66 24.09
N ILE A 444 33.09 -23.50 24.17
CA ILE A 444 34.13 -23.09 23.24
C ILE A 444 35.39 -22.85 24.05
N ASP A 445 36.41 -23.68 23.81
CA ASP A 445 37.69 -23.57 24.52
C ASP A 445 37.51 -23.72 26.03
N GLY A 446 36.74 -24.73 26.42
CA GLY A 446 36.51 -24.99 27.83
C GLY A 446 35.75 -23.89 28.55
N GLN A 447 34.81 -23.26 27.85
CA GLN A 447 34.03 -22.16 28.41
C GLN A 447 32.60 -22.27 27.93
N ASP A 448 31.66 -22.44 28.86
CA ASP A 448 30.26 -22.55 28.48
C ASP A 448 29.76 -21.24 27.90
N ILE A 449 29.12 -21.32 26.73
CA ILE A 449 28.65 -20.12 26.04
C ILE A 449 27.32 -19.62 26.58
N SER A 450 26.69 -20.36 27.50
CA SER A 450 25.47 -19.88 28.12
C SER A 450 25.73 -18.75 29.10
N GLN A 451 26.93 -18.66 29.66
CA GLN A 451 27.29 -17.63 30.60
C GLN A 451 28.08 -16.49 29.97
N VAL A 452 28.27 -16.51 28.65
CA VAL A 452 29.06 -15.51 27.96
C VAL A 452 28.14 -14.52 27.26
N THR A 453 28.66 -13.33 27.01
CA THR A 453 27.90 -12.33 26.28
C THR A 453 27.77 -12.71 24.80
N GLN A 454 26.64 -12.33 24.20
CA GLN A 454 26.38 -12.73 22.82
C GLN A 454 27.24 -11.95 21.84
N ALA A 455 27.63 -10.71 22.19
CA ALA A 455 28.32 -9.85 21.23
C ALA A 455 29.67 -10.44 20.83
N SER A 456 30.50 -10.79 21.81
CA SER A 456 31.82 -11.34 21.51
C SER A 456 31.70 -12.69 20.81
N LEU A 457 30.76 -13.53 21.26
CA LEU A 457 30.55 -14.82 20.63
C LEU A 457 30.26 -14.66 19.15
N ARG A 458 29.29 -13.81 18.81
CA ARG A 458 28.93 -13.61 17.42
C ARG A 458 30.04 -12.88 16.65
N SER A 459 30.87 -12.11 17.34
CA SER A 459 31.97 -11.42 16.66
C SER A 459 33.07 -12.39 16.27
N HIS A 460 33.35 -13.39 17.11
CA HIS A 460 34.49 -14.27 16.89
C HIS A 460 34.23 -15.37 15.87
N ILE A 461 32.98 -15.60 15.47
CA ILE A 461 32.62 -16.73 14.62
C ILE A 461 32.11 -16.21 13.29
N GLY A 462 32.80 -16.57 12.21
CA GLY A 462 32.32 -16.25 10.88
C GLY A 462 31.28 -17.26 10.40
N VAL A 463 30.69 -16.96 9.25
CA VAL A 463 29.64 -17.82 8.72
C VAL A 463 29.46 -17.51 7.24
N VAL A 464 29.17 -18.55 6.47
CA VAL A 464 28.78 -18.41 5.06
C VAL A 464 27.43 -19.08 4.89
N PRO A 465 26.37 -18.32 4.61
CA PRO A 465 25.02 -18.86 4.66
C PRO A 465 24.68 -19.69 3.44
N GLN A 466 23.43 -20.16 3.39
CA GLN A 466 22.94 -20.90 2.24
C GLN A 466 23.01 -20.05 0.97
N ASP A 467 22.23 -18.96 0.95
CA ASP A 467 22.32 -17.96 -0.11
C ASP A 467 22.50 -16.60 0.55
N THR A 468 23.59 -15.93 0.23
CA THR A 468 23.83 -14.59 0.75
C THR A 468 22.96 -13.58 0.01
N VAL A 469 22.63 -12.49 0.69
CA VAL A 469 21.77 -11.45 0.13
C VAL A 469 22.53 -10.12 0.18
N LEU A 470 22.51 -9.40 -0.93
CA LEU A 470 23.13 -8.09 -1.03
C LEU A 470 22.02 -7.04 -0.97
N PHE A 471 22.01 -6.26 0.10
CA PHE A 471 21.04 -5.17 0.19
C PHE A 471 21.39 -4.06 -0.78
N ASN A 472 20.39 -3.25 -1.12
CA ASN A 472 20.52 -2.26 -2.19
C ASN A 472 21.52 -1.20 -1.76
N ASP A 473 22.72 -1.30 -2.30
CA ASP A 473 23.80 -0.34 -2.08
C ASP A 473 24.93 -0.67 -3.05
N THR A 474 26.06 0.00 -2.90
CA THR A 474 27.21 -0.22 -3.76
C THR A 474 27.97 -1.48 -3.36
N ILE A 475 28.74 -2.01 -4.31
CA ILE A 475 29.53 -3.21 -4.06
C ILE A 475 30.53 -2.97 -2.94
N ALA A 476 31.20 -1.81 -2.98
CA ALA A 476 32.18 -1.49 -1.93
C ALA A 476 31.53 -1.50 -0.56
N ASP A 477 30.32 -0.94 -0.45
CA ASP A 477 29.61 -0.93 0.82
C ASP A 477 29.26 -2.34 1.28
N ASN A 478 28.82 -3.19 0.35
CA ASN A 478 28.52 -4.58 0.71
C ASN A 478 29.76 -5.29 1.21
N ILE A 479 30.92 -4.99 0.61
CA ILE A 479 32.15 -5.61 1.08
C ILE A 479 32.51 -5.12 2.47
N ARG A 480 32.48 -3.80 2.68
CA ARG A 480 32.87 -3.28 3.99
C ARG A 480 31.84 -3.58 5.07
N TYR A 481 30.65 -4.07 4.69
CA TYR A 481 29.65 -4.41 5.68
C TYR A 481 30.13 -5.46 6.67
N GLY A 482 31.14 -6.26 6.31
CA GLY A 482 31.71 -7.20 7.26
C GLY A 482 32.36 -6.50 8.45
N ARG A 483 33.10 -5.43 8.19
CA ARG A 483 33.67 -4.61 9.25
C ARG A 483 33.61 -3.16 8.79
N VAL A 484 32.78 -2.36 9.45
CA VAL A 484 32.46 -1.03 8.94
C VAL A 484 33.67 -0.09 9.05
N THR A 485 34.41 -0.18 10.15
CA THR A 485 35.48 0.78 10.42
C THR A 485 36.62 0.68 9.42
N ALA A 486 36.78 -0.46 8.76
CA ALA A 486 37.90 -0.66 7.85
C ALA A 486 37.83 0.30 6.67
N GLY A 487 39.00 0.67 6.15
CA GLY A 487 39.10 1.58 5.03
C GLY A 487 38.90 0.91 3.69
N ASN A 488 39.11 1.69 2.63
CA ASN A 488 38.87 1.19 1.28
C ASN A 488 39.96 0.23 0.83
N ASP A 489 41.20 0.46 1.26
CA ASP A 489 42.31 -0.39 0.82
C ASP A 489 42.11 -1.84 1.27
N GLU A 490 41.62 -2.03 2.50
CA GLU A 490 41.30 -3.38 2.95
C GLU A 490 40.21 -4.00 2.09
N VAL A 491 39.21 -3.20 1.69
CA VAL A 491 38.14 -3.69 0.82
C VAL A 491 38.72 -4.21 -0.48
N GLU A 492 39.59 -3.42 -1.12
CA GLU A 492 40.18 -3.84 -2.38
C GLU A 492 41.07 -5.07 -2.20
N ALA A 493 41.85 -5.11 -1.11
CA ALA A 493 42.73 -6.25 -0.87
C ALA A 493 41.93 -7.53 -0.70
N ALA A 494 40.84 -7.47 0.06
CA ALA A 494 40.04 -8.68 0.26
C ALA A 494 39.28 -9.06 -1.00
N ALA A 495 38.83 -8.08 -1.78
CA ALA A 495 38.20 -8.41 -3.06
C ALA A 495 39.18 -9.13 -3.98
N GLN A 496 40.45 -8.70 -3.97
CA GLN A 496 41.47 -9.43 -4.69
C GLN A 496 41.67 -10.83 -4.12
N ALA A 497 41.69 -10.96 -2.80
CA ALA A 497 41.91 -12.26 -2.16
C ALA A 497 40.78 -13.24 -2.45
N ALA A 498 39.57 -12.74 -2.64
CA ALA A 498 38.41 -13.60 -2.90
C ALA A 498 38.18 -13.85 -4.39
N GLY A 499 38.98 -13.26 -5.26
CA GLY A 499 38.82 -13.46 -6.69
C GLY A 499 37.53 -12.89 -7.26
N ILE A 500 37.06 -11.77 -6.71
CA ILE A 500 35.88 -11.10 -7.23
C ILE A 500 36.19 -9.72 -7.79
N HIS A 501 37.40 -9.21 -7.56
CA HIS A 501 37.74 -7.82 -7.86
C HIS A 501 37.67 -7.53 -9.36
N ASP A 502 38.12 -8.47 -10.19
CA ASP A 502 38.05 -8.26 -11.63
C ASP A 502 36.61 -8.13 -12.10
N ALA A 503 35.71 -8.95 -11.55
CA ALA A 503 34.30 -8.85 -11.92
C ALA A 503 33.69 -7.54 -11.47
N ILE A 504 34.17 -6.98 -10.36
CA ILE A 504 33.75 -5.64 -9.97
C ILE A 504 34.23 -4.61 -10.99
N MET A 505 35.48 -4.75 -11.45
CA MET A 505 35.95 -3.89 -12.54
C MET A 505 35.16 -4.07 -13.82
N ALA A 506 34.54 -5.24 -14.02
CA ALA A 506 33.71 -5.44 -15.21
C ALA A 506 32.49 -4.54 -15.21
N PHE A 507 31.94 -4.23 -14.04
CA PHE A 507 30.80 -3.33 -13.97
C PHE A 507 31.21 -1.93 -14.38
N PRO A 508 30.33 -1.18 -15.06
CA PRO A 508 30.73 0.12 -15.62
C PRO A 508 31.14 1.13 -14.55
N GLU A 509 30.26 1.41 -13.59
CA GLU A 509 30.60 2.35 -12.54
C GLU A 509 31.66 1.79 -11.60
N GLY A 510 31.64 0.49 -11.37
CA GLY A 510 32.64 -0.16 -10.51
C GLY A 510 32.21 -0.15 -9.04
N TYR A 511 32.91 0.63 -8.23
CA TYR A 511 32.65 0.67 -6.80
C TYR A 511 31.45 1.53 -6.44
N ARG A 512 30.83 2.19 -7.40
CA ARG A 512 29.58 2.91 -7.20
C ARG A 512 28.40 2.19 -7.83
N THR A 513 28.59 0.96 -8.31
CA THR A 513 27.54 0.24 -9.00
C THR A 513 26.39 -0.06 -8.05
N GLN A 514 25.16 0.15 -8.52
CA GLN A 514 23.98 -0.18 -7.74
C GLN A 514 23.74 -1.68 -7.79
N VAL A 515 23.54 -2.29 -6.62
CA VAL A 515 23.43 -3.73 -6.48
C VAL A 515 22.10 -4.07 -5.83
N GLY A 516 21.58 -5.25 -6.16
CA GLY A 516 20.34 -5.71 -5.58
C GLY A 516 19.14 -5.50 -6.48
N GLU A 517 17.96 -5.35 -5.87
CA GLU A 517 16.74 -5.13 -6.65
C GLU A 517 16.80 -3.81 -7.42
N ARG A 518 17.29 -2.75 -6.77
CA ARG A 518 17.40 -1.46 -7.44
C ARG A 518 18.40 -1.52 -8.60
N GLY A 519 19.52 -2.18 -8.39
CA GLY A 519 20.56 -2.29 -9.40
C GLY A 519 20.42 -3.55 -10.24
N LEU A 520 21.53 -3.96 -10.84
CA LEU A 520 21.55 -5.15 -11.67
C LEU A 520 21.59 -6.40 -10.81
N LYS A 521 21.25 -7.54 -11.43
CA LYS A 521 21.28 -8.82 -10.76
C LYS A 521 22.67 -9.43 -10.84
N LEU A 522 22.95 -10.35 -9.92
CA LEU A 522 24.25 -10.99 -9.81
C LEU A 522 24.12 -12.50 -9.94
N SER A 523 25.15 -13.12 -10.51
CA SER A 523 25.18 -14.57 -10.64
C SER A 523 25.60 -15.20 -9.31
N GLY A 524 25.61 -16.54 -9.28
CA GLY A 524 25.93 -17.25 -8.06
C GLY A 524 27.34 -17.06 -7.55
N GLY A 525 28.33 -17.24 -8.44
CA GLY A 525 29.71 -17.08 -8.03
C GLY A 525 30.00 -15.70 -7.49
N GLU A 526 29.36 -14.67 -8.06
CA GLU A 526 29.57 -13.31 -7.61
C GLU A 526 29.17 -13.13 -6.15
N LYS A 527 27.97 -13.58 -5.79
CA LYS A 527 27.49 -13.38 -4.42
C LYS A 527 28.22 -14.30 -3.44
N GLN A 528 28.54 -15.52 -3.85
CA GLN A 528 29.35 -16.37 -2.99
C GLN A 528 30.71 -15.75 -2.72
N ARG A 529 31.32 -15.14 -3.74
CA ARG A 529 32.62 -14.51 -3.56
C ARG A 529 32.52 -13.24 -2.72
N VAL A 530 31.44 -12.47 -2.84
CA VAL A 530 31.30 -11.30 -1.98
C VAL A 530 31.11 -11.72 -0.52
N ALA A 531 30.41 -12.83 -0.30
CA ALA A 531 30.30 -13.37 1.05
C ALA A 531 31.68 -13.78 1.58
N ILE A 532 32.47 -14.44 0.73
CA ILE A 532 33.84 -14.80 1.11
C ILE A 532 34.63 -13.54 1.45
N ALA A 533 34.45 -12.48 0.66
CA ALA A 533 35.19 -11.25 0.90
C ALA A 533 34.84 -10.65 2.26
N ARG A 534 33.54 -10.54 2.57
CA ARG A 534 33.18 -9.92 3.84
C ARG A 534 33.59 -10.78 5.02
N THR A 535 33.50 -12.11 4.89
CA THR A 535 33.98 -12.95 5.99
C THR A 535 35.50 -12.90 6.10
N ILE A 536 36.21 -12.57 5.02
CA ILE A 536 37.63 -12.28 5.14
C ILE A 536 37.84 -10.99 5.93
N LEU A 537 37.03 -9.97 5.65
CA LEU A 537 37.14 -8.72 6.39
C LEU A 537 36.92 -8.94 7.88
N LYS A 538 35.92 -9.74 8.24
CA LYS A 538 35.58 -9.92 9.65
C LYS A 538 36.75 -10.51 10.43
N ALA A 539 37.60 -11.30 9.77
CA ALA A 539 38.76 -11.96 10.38
C ALA A 539 38.32 -12.81 11.57
N PRO A 540 37.56 -13.88 11.34
CA PRO A 540 37.09 -14.69 12.47
C PRO A 540 38.06 -15.80 12.83
N GLY A 541 37.72 -16.57 13.87
CA GLY A 541 38.53 -17.71 14.25
C GLY A 541 37.91 -19.04 13.86
N ILE A 542 36.59 -19.16 14.02
CA ILE A 542 35.85 -20.33 13.62
C ILE A 542 35.03 -19.97 12.38
N ILE A 543 35.07 -20.83 11.38
CA ILE A 543 34.33 -20.62 10.14
C ILE A 543 33.21 -21.65 10.10
N LEU A 544 31.99 -21.21 10.40
CA LEU A 544 30.81 -22.08 10.33
C LEU A 544 30.32 -22.21 8.89
N LEU A 545 31.17 -22.83 8.07
CA LEU A 545 30.87 -22.95 6.65
C LEU A 545 29.59 -23.76 6.44
N ASP A 546 28.75 -23.28 5.53
CA ASP A 546 27.51 -23.95 5.16
C ASP A 546 27.43 -23.89 3.63
N GLU A 547 27.92 -24.95 2.98
CA GLU A 547 28.07 -24.93 1.53
C GLU A 547 26.73 -24.77 0.84
N ALA A 548 26.69 -23.90 -0.18
CA ALA A 548 25.49 -23.66 -0.94
C ALA A 548 25.21 -24.80 -1.90
N THR A 549 23.94 -25.01 -2.20
CA THR A 549 23.50 -26.02 -3.15
C THR A 549 23.14 -25.42 -4.50
N SER A 550 23.52 -24.17 -4.75
CA SER A 550 23.20 -23.53 -6.02
C SER A 550 23.94 -24.22 -7.17
N ALA A 551 23.22 -24.50 -8.24
CA ALA A 551 23.81 -25.14 -9.41
C ALA A 551 24.60 -24.14 -10.23
N LEU A 552 25.82 -24.54 -10.61
CA LEU A 552 26.70 -23.68 -11.39
C LEU A 552 27.72 -24.55 -12.10
N ASP A 553 28.49 -23.93 -12.98
CA ASP A 553 29.53 -24.64 -13.72
C ASP A 553 30.59 -25.19 -12.76
N THR A 554 31.12 -26.37 -13.09
CA THR A 554 32.05 -27.04 -12.20
C THR A 554 33.37 -26.28 -12.07
N SER A 555 33.77 -25.54 -13.10
CA SER A 555 35.02 -24.79 -13.02
C SER A 555 34.92 -23.67 -11.98
N ASN A 556 33.86 -22.86 -12.06
CA ASN A 556 33.66 -21.83 -11.05
C ASN A 556 33.41 -22.43 -9.67
N GLU A 557 32.73 -23.57 -9.63
CA GLU A 557 32.49 -24.25 -8.34
C GLU A 557 33.81 -24.67 -7.70
N ARG A 558 34.71 -25.25 -8.49
CA ARG A 558 35.99 -25.68 -7.93
C ARG A 558 36.88 -24.50 -7.59
N ALA A 559 36.77 -23.40 -8.33
CA ALA A 559 37.46 -22.18 -7.93
C ALA A 559 36.94 -21.67 -6.59
N ILE A 560 35.61 -21.72 -6.40
CA ILE A 560 35.01 -21.30 -5.13
C ILE A 560 35.49 -22.20 -4.00
N GLN A 561 35.49 -23.51 -4.22
CA GLN A 561 35.96 -24.44 -3.21
C GLN A 561 37.42 -24.25 -2.88
N ALA A 562 38.24 -23.95 -3.89
CA ALA A 562 39.63 -23.61 -3.63
C ALA A 562 39.75 -22.37 -2.76
N SER A 563 38.94 -21.34 -3.07
CA SER A 563 38.98 -20.11 -2.27
C SER A 563 38.57 -20.40 -0.83
N LEU A 564 37.56 -21.25 -0.65
CA LEU A 564 37.19 -21.70 0.69
C LEU A 564 38.36 -22.39 1.38
N ALA A 565 39.07 -23.25 0.64
CA ALA A 565 40.19 -23.98 1.22
C ALA A 565 41.29 -23.03 1.68
N LYS A 566 41.61 -22.02 0.87
CA LYS A 566 42.64 -21.08 1.34
C LYS A 566 42.11 -20.03 2.32
N VAL A 567 40.79 -19.95 2.53
CA VAL A 567 40.29 -19.02 3.55
C VAL A 567 40.02 -19.76 4.85
N CYS A 568 39.74 -21.07 4.75
CA CYS A 568 39.53 -21.89 5.93
C CYS A 568 40.83 -22.45 6.50
N ALA A 569 41.96 -22.20 5.85
CA ALA A 569 43.23 -22.71 6.34
C ALA A 569 43.60 -22.05 7.66
N ASN A 570 44.19 -22.84 8.56
CA ASN A 570 44.61 -22.38 9.88
C ASN A 570 43.45 -21.79 10.67
N ARG A 571 42.27 -22.39 10.53
CA ARG A 571 41.08 -21.93 11.22
C ARG A 571 40.15 -23.10 11.45
N THR A 572 39.60 -23.19 12.67
CA THR A 572 38.63 -24.23 12.98
C THR A 572 37.43 -24.11 12.06
N THR A 573 37.01 -25.24 11.48
CA THR A 573 35.99 -25.22 10.45
C THR A 573 34.97 -26.33 10.70
N ILE A 574 33.70 -26.02 10.43
CA ILE A 574 32.62 -26.99 10.41
C ILE A 574 31.93 -26.86 9.06
N VAL A 575 31.93 -27.93 8.29
CA VAL A 575 31.46 -27.90 6.90
C VAL A 575 30.18 -28.71 6.79
N VAL A 576 29.20 -28.14 6.09
CA VAL A 576 27.93 -28.80 5.83
C VAL A 576 27.71 -28.82 4.33
N ALA A 577 27.65 -30.02 3.75
CA ALA A 577 27.46 -30.15 2.30
C ALA A 577 26.95 -31.55 1.99
N HIS A 578 26.39 -31.68 0.79
CA HIS A 578 26.00 -32.97 0.24
C HIS A 578 27.00 -33.51 -0.78
N ARG A 579 28.14 -32.85 -0.94
CA ARG A 579 29.08 -33.17 -2.00
C ARG A 579 30.19 -34.10 -1.49
N LEU A 580 30.89 -34.70 -2.44
CA LEU A 580 32.03 -35.57 -2.14
C LEU A 580 33.27 -34.78 -1.74
N SER A 581 33.39 -33.54 -2.23
CA SER A 581 34.62 -32.79 -2.04
C SER A 581 34.91 -32.53 -0.58
N THR A 582 33.89 -32.13 0.19
CA THR A 582 34.08 -31.91 1.62
C THR A 582 34.31 -33.23 2.33
N VAL A 583 33.62 -34.29 1.90
CA VAL A 583 33.71 -35.59 2.57
C VAL A 583 35.12 -36.17 2.47
N VAL A 584 35.72 -36.10 1.29
CA VAL A 584 36.95 -36.85 1.04
C VAL A 584 38.10 -36.31 1.88
N ASN A 585 38.23 -34.99 1.99
CA ASN A 585 39.40 -34.37 2.62
C ASN A 585 39.16 -33.96 4.06
N ALA A 586 37.98 -34.23 4.62
CA ALA A 586 37.69 -33.80 5.98
C ALA A 586 38.48 -34.63 6.98
N ASP A 587 38.46 -34.19 8.24
CA ASP A 587 39.17 -34.87 9.31
C ASP A 587 38.27 -35.72 10.19
N GLN A 588 36.97 -35.44 10.25
CA GLN A 588 36.07 -36.21 11.10
C GLN A 588 34.66 -36.08 10.52
N ILE A 589 34.20 -37.13 9.86
CA ILE A 589 32.88 -37.15 9.24
C ILE A 589 31.86 -37.63 10.25
N LEU A 590 30.73 -36.95 10.34
CA LEU A 590 29.64 -37.31 11.23
C LEU A 590 28.35 -37.46 10.42
N VAL A 591 27.54 -38.44 10.79
CA VAL A 591 26.28 -38.72 10.13
C VAL A 591 25.16 -38.59 11.15
N ILE A 592 24.08 -37.92 10.75
CA ILE A 592 22.94 -37.66 11.63
C ILE A 592 21.71 -38.33 11.04
N LYS A 593 21.01 -39.11 11.87
CA LYS A 593 19.75 -39.74 11.48
C LYS A 593 18.69 -39.33 12.49
N ASP A 594 17.68 -38.60 12.02
CA ASP A 594 16.63 -38.04 12.88
C ASP A 594 17.25 -37.23 14.02
N GLY A 595 18.29 -36.47 13.69
CA GLY A 595 18.99 -35.68 14.68
C GLY A 595 19.73 -36.50 15.73
N CYS A 596 20.32 -37.62 15.33
CA CYS A 596 21.08 -38.46 16.24
C CYS A 596 22.29 -39.02 15.50
N ILE A 597 23.42 -39.12 16.20
CA ILE A 597 24.65 -39.61 15.61
C ILE A 597 24.58 -41.13 15.50
N VAL A 598 24.67 -41.63 14.27
CA VAL A 598 24.66 -43.06 14.03
C VAL A 598 26.03 -43.60 13.59
N GLU A 599 26.80 -42.81 12.84
CA GLU A 599 28.11 -43.23 12.36
C GLU A 599 29.14 -42.18 12.74
N ARG A 600 30.28 -42.65 13.26
CA ARG A 600 31.35 -41.77 13.73
C ARG A 600 32.68 -42.29 13.21
N GLY A 601 33.59 -41.37 12.93
CA GLY A 601 34.93 -41.74 12.51
C GLY A 601 35.50 -40.94 11.36
N ARG A 602 36.19 -41.63 10.46
CA ARG A 602 36.87 -41.03 9.31
C ARG A 602 36.19 -41.50 8.03
N HIS A 603 36.67 -40.96 6.90
CA HIS A 603 36.07 -41.26 5.60
C HIS A 603 36.18 -42.74 5.25
N GLU A 604 37.38 -43.32 5.39
CA GLU A 604 37.60 -44.68 4.94
C GLU A 604 36.88 -45.70 5.82
N ALA A 605 36.81 -45.45 7.13
CA ALA A 605 36.08 -46.35 8.01
C ALA A 605 34.59 -46.37 7.67
N LEU A 606 34.02 -45.20 7.42
CA LEU A 606 32.62 -45.12 7.01
C LEU A 606 32.40 -45.77 5.66
N LEU A 607 33.37 -45.65 4.75
CA LEU A 607 33.28 -46.35 3.47
C LEU A 607 33.26 -47.86 3.66
N SER A 608 34.13 -48.37 4.53
CA SER A 608 34.23 -49.81 4.73
C SER A 608 33.03 -50.35 5.50
N ARG A 609 32.40 -49.52 6.34
CA ARG A 609 31.28 -49.99 7.14
C ARG A 609 30.06 -50.36 6.30
N GLY A 610 29.99 -49.90 5.05
CA GLY A 610 28.78 -50.08 4.27
C GLY A 610 27.71 -49.05 4.53
N GLY A 611 28.09 -47.89 5.04
CA GLY A 611 27.16 -46.82 5.36
C GLY A 611 27.14 -45.73 4.32
N VAL A 612 27.91 -44.68 4.56
CA VAL A 612 28.00 -43.51 3.68
C VAL A 612 28.32 -43.92 2.24
N TYR A 613 28.83 -45.14 2.05
CA TYR A 613 29.09 -45.64 0.70
C TYR A 613 27.80 -45.71 -0.12
N ALA A 614 26.78 -46.38 0.44
CA ALA A 614 25.51 -46.49 -0.27
C ALA A 614 24.85 -45.13 -0.45
N ASP A 615 24.92 -44.27 0.57
CA ASP A 615 24.31 -42.95 0.45
C ASP A 615 24.98 -42.12 -0.63
N MET A 616 26.32 -42.15 -0.70
CA MET A 616 27.02 -41.40 -1.72
C MET A 616 26.75 -41.95 -3.11
N TRP A 617 26.61 -43.27 -3.24
CA TRP A 617 26.36 -43.83 -4.56
C TRP A 617 24.90 -43.63 -5.01
N GLN A 618 23.97 -43.54 -4.07
CA GLN A 618 22.55 -43.40 -4.44
C GLN A 618 22.12 -41.95 -4.59
N LEU A 619 22.59 -41.06 -3.72
CA LEU A 619 22.08 -39.68 -3.71
C LEU A 619 22.54 -38.91 -4.94
N GLN A 620 23.81 -38.99 -5.28
CA GLN A 620 24.38 -38.19 -6.35
C GLN A 620 24.47 -38.92 -7.69
N GLN A 621 24.10 -40.20 -7.74
CA GLN A 621 24.14 -40.95 -8.99
C GLN A 621 22.81 -41.64 -9.26
N ASP B 36 -4.78 22.07 -24.50
CA ASP B 36 -4.88 20.88 -23.67
C ASP B 36 -6.09 20.95 -22.74
N PHE B 37 -6.30 22.13 -22.16
CA PHE B 37 -7.43 22.32 -21.27
C PHE B 37 -8.75 22.07 -22.00
N GLY B 38 -8.84 22.56 -23.24
CA GLY B 38 -10.08 22.38 -23.99
C GLY B 38 -10.39 20.93 -24.27
N ARG B 39 -9.41 20.17 -24.75
CA ARG B 39 -9.65 18.77 -25.05
C ARG B 39 -9.96 17.97 -23.78
N LYS B 40 -9.21 18.20 -22.71
CA LYS B 40 -9.48 17.47 -21.47
C LYS B 40 -10.85 17.80 -20.92
N LEU B 41 -11.26 19.08 -21.00
CA LEU B 41 -12.62 19.45 -20.61
C LEU B 41 -13.65 18.76 -21.48
N ARG B 42 -13.35 18.60 -22.78
CA ARG B 42 -14.28 17.91 -23.67
C ARG B 42 -14.45 16.46 -23.24
N LEU B 43 -13.37 15.77 -22.91
CA LEU B 43 -13.49 14.39 -22.43
C LEU B 43 -14.27 14.32 -21.13
N LEU B 44 -14.00 15.24 -20.19
CA LEU B 44 -14.75 15.25 -18.95
C LEU B 44 -16.24 15.45 -19.18
N SER B 45 -16.57 16.39 -20.08
CA SER B 45 -17.98 16.64 -20.39
C SER B 45 -18.62 15.41 -21.02
N GLY B 46 -17.88 14.73 -21.89
CA GLY B 46 -18.39 13.49 -22.44
C GLY B 46 -18.69 12.46 -21.37
N TYR B 47 -17.85 12.40 -20.34
CA TYR B 47 -18.10 11.47 -19.24
C TYR B 47 -19.17 11.96 -18.27
N LEU B 48 -19.55 13.23 -18.32
CA LEU B 48 -20.51 13.76 -17.34
C LEU B 48 -21.88 13.12 -17.50
N TRP B 49 -22.43 13.11 -18.71
CA TRP B 49 -23.82 12.70 -18.92
C TRP B 49 -23.94 11.18 -18.90
N PRO B 50 -24.77 10.60 -18.03
CA PRO B 50 -25.02 9.15 -18.10
C PRO B 50 -25.75 8.80 -19.39
N ARG B 51 -25.11 7.96 -20.20
CA ARG B 51 -25.62 7.69 -21.55
C ARG B 51 -26.83 6.77 -21.54
N GLY B 52 -26.87 5.80 -20.62
CA GLY B 52 -27.86 4.74 -20.71
C GLY B 52 -29.15 4.97 -19.94
N SER B 53 -29.05 5.32 -18.66
CA SER B 53 -30.33 5.33 -17.95
C SER B 53 -30.97 6.71 -18.01
N PRO B 54 -32.30 6.77 -18.09
CA PRO B 54 -32.98 8.07 -18.07
C PRO B 54 -33.21 8.57 -16.65
N ALA B 55 -33.31 7.65 -15.69
CA ALA B 55 -33.56 8.02 -14.31
C ALA B 55 -32.40 8.77 -13.68
N LEU B 56 -31.24 8.77 -14.30
CA LEU B 56 -30.08 9.46 -13.75
C LEU B 56 -29.87 10.85 -14.35
N GLN B 57 -30.28 11.07 -15.59
CA GLN B 57 -30.19 12.41 -16.16
C GLN B 57 -31.10 13.38 -15.41
N LEU B 58 -32.26 12.91 -14.97
CA LEU B 58 -33.12 13.73 -14.13
C LEU B 58 -32.39 14.13 -12.85
N VAL B 59 -31.68 13.19 -12.23
CA VAL B 59 -30.92 13.49 -11.03
C VAL B 59 -29.81 14.49 -11.32
N VAL B 60 -29.16 14.37 -12.47
CA VAL B 60 -28.12 15.32 -12.84
C VAL B 60 -28.70 16.73 -12.98
N LEU B 61 -29.86 16.84 -13.64
CA LEU B 61 -30.50 18.13 -13.79
C LEU B 61 -30.90 18.71 -12.43
N ILE B 62 -31.42 17.86 -11.54
CA ILE B 62 -31.79 18.33 -10.20
C ILE B 62 -30.57 18.84 -9.45
N CYS B 63 -29.43 18.14 -9.59
CA CYS B 63 -28.22 18.59 -8.92
C CYS B 63 -27.77 19.94 -9.44
N LEU B 64 -27.82 20.14 -10.77
CA LEU B 64 -27.45 21.44 -11.31
C LEU B 64 -28.39 22.53 -10.82
N GLY B 65 -29.69 22.24 -10.77
CA GLY B 65 -30.63 23.21 -10.23
C GLY B 65 -30.35 23.55 -8.78
N LEU B 66 -29.95 22.55 -7.99
CA LEU B 66 -29.61 22.82 -6.60
C LEU B 66 -28.36 23.69 -6.49
N MET B 67 -27.39 23.48 -7.40
CA MET B 67 -26.22 24.36 -7.42
C MET B 67 -26.64 25.81 -7.70
N GLY B 68 -27.53 26.01 -8.66
CA GLY B 68 -28.02 27.35 -8.94
C GLY B 68 -28.75 27.94 -7.74
N LEU B 69 -29.56 27.14 -7.07
CA LEU B 69 -30.26 27.61 -5.88
C LEU B 69 -29.28 28.00 -4.78
N GLU B 70 -28.18 27.26 -4.65
CA GLU B 70 -27.18 27.63 -3.66
C GLU B 70 -26.54 28.97 -3.99
N ARG B 71 -26.27 29.22 -5.27
CA ARG B 71 -25.77 30.55 -5.64
C ARG B 71 -26.77 31.64 -5.27
N ALA B 72 -28.05 31.40 -5.56
CA ALA B 72 -29.07 32.39 -5.23
C ALA B 72 -29.12 32.65 -3.73
N LEU B 73 -29.04 31.60 -2.92
CA LEU B 73 -29.04 31.77 -1.46
C LEU B 73 -27.82 32.54 -1.01
N ASN B 74 -26.65 32.23 -1.60
CA ASN B 74 -25.43 32.96 -1.31
C ASN B 74 -25.63 34.45 -1.50
N VAL B 75 -26.33 34.85 -2.57
CA VAL B 75 -26.64 36.26 -2.73
C VAL B 75 -27.65 36.73 -1.70
N LEU B 76 -28.68 35.94 -1.46
CA LEU B 76 -29.85 36.43 -0.74
C LEU B 76 -29.57 36.68 0.74
N VAL B 77 -28.87 35.76 1.41
CA VAL B 77 -28.79 35.80 2.87
C VAL B 77 -28.22 37.11 3.40
N PRO B 78 -27.08 37.62 2.91
CA PRO B 78 -26.60 38.91 3.44
C PRO B 78 -27.57 40.04 3.24
N ILE B 79 -28.38 40.02 2.18
CA ILE B 79 -29.38 41.06 1.98
C ILE B 79 -30.40 41.04 3.11
N PHE B 80 -30.86 39.84 3.49
CA PHE B 80 -31.79 39.76 4.60
C PHE B 80 -31.14 40.16 5.92
N TYR B 81 -29.85 39.86 6.09
CA TYR B 81 -29.15 40.34 7.28
C TYR B 81 -29.15 41.87 7.33
N ARG B 82 -28.89 42.51 6.19
CA ARG B 82 -28.92 43.97 6.13
C ARG B 82 -30.32 44.49 6.44
N ASN B 83 -31.35 43.85 5.90
CA ASN B 83 -32.72 44.27 6.17
C ASN B 83 -33.04 44.18 7.66
N ILE B 84 -32.60 43.09 8.30
CA ILE B 84 -32.86 42.92 9.72
C ILE B 84 -32.20 44.03 10.52
N VAL B 85 -30.93 44.32 10.22
CA VAL B 85 -30.23 45.36 10.96
C VAL B 85 -30.90 46.71 10.74
N ASN B 86 -31.27 47.01 9.49
CA ASN B 86 -31.89 48.29 9.17
C ASN B 86 -33.22 48.44 9.90
N LEU B 87 -34.04 47.39 9.93
CA LEU B 87 -35.29 47.45 10.68
C LEU B 87 -35.04 47.62 12.17
N LEU B 88 -34.00 46.96 12.70
CA LEU B 88 -33.70 47.06 14.11
C LEU B 88 -33.30 48.47 14.51
N THR B 89 -32.55 49.16 13.64
CA THR B 89 -32.03 50.48 14.02
C THR B 89 -33.10 51.57 13.99
N GLU B 90 -34.26 51.32 13.39
CA GLU B 90 -35.30 52.32 13.27
C GLU B 90 -36.52 52.02 14.14
N LYS B 91 -36.35 51.21 15.18
CA LYS B 91 -37.39 50.93 16.16
C LYS B 91 -38.68 50.44 15.49
N ALA B 92 -38.57 49.31 14.80
CA ALA B 92 -39.71 48.69 14.15
C ALA B 92 -40.54 47.88 15.15
N PRO B 93 -41.81 47.69 14.87
CA PRO B 93 -42.65 46.87 15.76
C PRO B 93 -42.25 45.40 15.73
N TRP B 94 -42.75 44.66 16.72
CA TRP B 94 -42.27 43.31 16.97
C TRP B 94 -42.69 42.33 15.88
N ASN B 95 -43.82 42.56 15.21
CA ASN B 95 -44.35 41.56 14.28
C ASN B 95 -43.47 41.41 13.04
N SER B 96 -43.21 42.52 12.35
CA SER B 96 -42.38 42.47 11.15
C SER B 96 -40.98 41.98 11.49
N LEU B 97 -40.43 42.44 12.62
CA LEU B 97 -39.12 41.98 13.03
C LEU B 97 -39.10 40.48 13.26
N ALA B 98 -40.12 39.94 13.92
CA ALA B 98 -40.16 38.52 14.19
C ALA B 98 -40.22 37.71 12.89
N TRP B 99 -41.09 38.13 11.96
CA TRP B 99 -41.20 37.37 10.73
C TRP B 99 -39.92 37.46 9.89
N THR B 100 -39.31 38.64 9.83
CA THR B 100 -38.07 38.78 9.08
C THR B 100 -36.94 37.97 9.71
N VAL B 101 -36.89 37.94 11.05
CA VAL B 101 -35.87 37.14 11.74
C VAL B 101 -36.06 35.66 11.43
N THR B 102 -37.31 35.20 11.47
CA THR B 102 -37.57 33.79 11.15
C THR B 102 -37.16 33.48 9.72
N SER B 103 -37.47 34.37 8.78
CA SER B 103 -37.09 34.13 7.39
C SER B 103 -35.57 34.09 7.23
N TYR B 104 -34.86 35.01 7.89
CA TYR B 104 -33.41 35.03 7.78
C TYR B 104 -32.80 33.77 8.37
N VAL B 105 -33.33 33.30 9.50
CA VAL B 105 -32.82 32.07 10.10
C VAL B 105 -33.08 30.89 9.18
N PHE B 106 -34.25 30.85 8.55
CA PHE B 106 -34.54 29.77 7.61
C PHE B 106 -33.57 29.79 6.43
N LEU B 107 -33.29 30.98 5.90
CA LEU B 107 -32.35 31.07 4.78
C LEU B 107 -30.95 30.65 5.21
N LYS B 108 -30.53 31.05 6.41
CA LYS B 108 -29.24 30.62 6.93
C LYS B 108 -29.20 29.12 7.18
N PHE B 109 -30.35 28.50 7.41
CA PHE B 109 -30.39 27.04 7.52
C PHE B 109 -30.27 26.38 6.16
N LEU B 110 -30.93 26.94 5.14
CA LEU B 110 -30.82 26.39 3.80
C LEU B 110 -29.41 26.54 3.26
N GLN B 111 -28.86 27.75 3.33
CA GLN B 111 -27.44 27.93 3.05
C GLN B 111 -26.63 27.26 4.16
N GLY B 112 -25.38 26.93 3.85
CA GLY B 112 -24.51 26.37 4.85
C GLY B 112 -24.32 27.29 6.04
N GLY B 113 -24.58 26.78 7.24
CA GLY B 113 -24.25 27.52 8.45
C GLY B 113 -22.78 27.83 8.56
N GLY B 114 -21.95 27.05 7.88
CA GLY B 114 -20.54 27.35 7.72
C GLY B 114 -20.00 26.70 6.46
N THR B 115 -19.06 27.37 5.80
CA THR B 115 -18.26 26.89 4.68
C THR B 115 -19.06 26.26 3.53
N GLY B 116 -20.38 26.47 3.51
CA GLY B 116 -21.17 26.06 2.38
C GLY B 116 -21.37 24.56 2.22
N SER B 117 -20.53 23.76 2.86
CA SER B 117 -20.62 22.31 2.78
C SER B 117 -21.51 21.78 3.91
N THR B 118 -22.45 22.60 4.36
CA THR B 118 -23.18 22.31 5.59
C THR B 118 -24.68 22.39 5.42
N GLY B 119 -25.14 23.17 4.45
CA GLY B 119 -26.57 23.44 4.33
C GLY B 119 -27.36 22.22 3.90
N PHE B 120 -28.68 22.34 4.08
CA PHE B 120 -29.59 21.31 3.58
C PHE B 120 -29.43 21.13 2.07
N VAL B 121 -29.44 22.24 1.34
CA VAL B 121 -29.00 22.25 -0.04
C VAL B 121 -27.51 21.99 -0.06
N SER B 122 -27.05 21.35 -1.15
CA SER B 122 -25.71 20.80 -1.36
C SER B 122 -25.51 19.53 -0.55
N ASN B 123 -26.36 19.27 0.43
CA ASN B 123 -26.34 17.95 1.04
C ASN B 123 -27.34 17.02 0.36
N LEU B 124 -28.52 17.54 0.01
CA LEU B 124 -29.34 16.84 -0.98
C LEU B 124 -28.53 16.57 -2.23
N ARG B 125 -27.71 17.54 -2.64
CA ARG B 125 -26.88 17.38 -3.82
C ARG B 125 -25.85 16.26 -3.64
N THR B 126 -25.19 16.21 -2.48
CA THR B 126 -24.23 15.13 -2.23
C THR B 126 -24.92 13.78 -2.28
N PHE B 127 -26.13 13.68 -1.73
CA PHE B 127 -26.91 12.45 -1.78
C PHE B 127 -27.15 12.00 -3.23
N LEU B 128 -27.77 12.87 -4.02
CA LEU B 128 -28.10 12.51 -5.39
C LEU B 128 -26.84 12.25 -6.23
N TRP B 129 -25.77 12.99 -5.97
CA TRP B 129 -24.54 12.75 -6.72
C TRP B 129 -23.84 11.48 -6.28
N ILE B 130 -24.05 11.03 -5.04
CA ILE B 130 -23.67 9.67 -4.67
C ILE B 130 -24.28 8.71 -5.66
N ARG B 131 -25.61 8.81 -5.80
CA ARG B 131 -26.32 7.87 -6.66
C ARG B 131 -25.85 7.96 -8.11
N VAL B 132 -25.47 9.15 -8.57
CA VAL B 132 -25.05 9.29 -9.97
C VAL B 132 -23.62 8.82 -10.17
N GLN B 133 -22.68 9.31 -9.34
CA GLN B 133 -21.27 8.99 -9.50
C GLN B 133 -21.02 7.50 -9.37
N GLN B 134 -21.87 6.79 -8.64
CA GLN B 134 -21.71 5.35 -8.54
C GLN B 134 -21.74 4.69 -9.92
N PHE B 135 -22.67 5.14 -10.77
CA PHE B 135 -22.82 4.59 -12.11
C PHE B 135 -21.55 4.78 -12.94
N THR B 136 -21.01 5.99 -12.96
CA THR B 136 -19.81 6.26 -13.75
C THR B 136 -18.63 5.46 -13.24
N SER B 137 -18.47 5.37 -11.91
CA SER B 137 -17.38 4.58 -11.38
C SER B 137 -17.47 3.13 -11.83
N ARG B 138 -18.66 2.54 -11.73
CA ARG B 138 -18.82 1.16 -12.16
C ARG B 138 -18.50 0.99 -13.64
N ARG B 139 -19.02 1.89 -14.48
CA ARG B 139 -18.83 1.75 -15.91
C ARG B 139 -17.35 1.83 -16.29
N VAL B 140 -16.63 2.81 -15.73
CA VAL B 140 -15.21 2.96 -16.05
C VAL B 140 -14.42 1.75 -15.57
N GLU B 141 -14.68 1.29 -14.35
CA GLU B 141 -13.93 0.14 -13.84
C GLU B 141 -14.18 -1.09 -14.70
N LEU B 142 -15.43 -1.32 -15.10
CA LEU B 142 -15.72 -2.49 -15.92
C LEU B 142 -15.09 -2.38 -17.30
N LEU B 143 -15.07 -1.18 -17.88
CA LEU B 143 -14.42 -1.02 -19.18
C LEU B 143 -12.94 -1.34 -19.10
N ILE B 144 -12.26 -0.84 -18.06
CA ILE B 144 -10.84 -1.12 -17.91
C ILE B 144 -10.61 -2.61 -17.71
N PHE B 145 -11.42 -3.25 -16.86
CA PHE B 145 -11.21 -4.66 -16.56
C PHE B 145 -11.53 -5.54 -17.76
N SER B 146 -12.46 -5.13 -18.62
CA SER B 146 -12.76 -5.90 -19.82
C SER B 146 -11.75 -5.66 -20.92
N HIS B 147 -11.04 -4.53 -20.90
CA HIS B 147 -9.98 -4.35 -21.89
C HIS B 147 -8.70 -5.05 -21.47
N LEU B 148 -8.42 -5.11 -20.16
CA LEU B 148 -7.16 -5.72 -19.73
C LEU B 148 -7.12 -7.23 -19.98
N HIS B 149 -8.27 -7.86 -20.21
CA HIS B 149 -8.32 -9.31 -20.40
C HIS B 149 -8.26 -9.75 -21.85
N GLU B 150 -8.06 -8.82 -22.79
CA GLU B 150 -8.01 -9.18 -24.20
C GLU B 150 -6.67 -8.84 -24.86
N LEU B 151 -5.75 -8.21 -24.14
CA LEU B 151 -4.43 -7.95 -24.68
C LEU B 151 -3.63 -9.24 -24.79
N SER B 152 -2.69 -9.26 -25.73
CA SER B 152 -1.91 -10.46 -26.01
C SER B 152 -0.97 -10.77 -24.86
N LEU B 153 -0.36 -11.96 -24.92
CA LEU B 153 0.45 -12.45 -23.81
C LEU B 153 1.73 -11.67 -23.61
N ARG B 154 2.44 -11.35 -24.69
CA ARG B 154 3.70 -10.61 -24.56
C ARG B 154 3.51 -9.35 -23.74
N TRP B 155 2.36 -8.69 -23.91
CA TRP B 155 2.04 -7.51 -23.13
C TRP B 155 2.04 -7.80 -21.64
N HIS B 156 1.39 -8.90 -21.23
CA HIS B 156 1.28 -9.22 -19.82
C HIS B 156 2.56 -9.82 -19.24
N LEU B 157 3.37 -10.49 -20.05
CA LEU B 157 4.68 -10.91 -19.57
C LEU B 157 5.62 -9.72 -19.40
N GLY B 158 5.47 -8.69 -20.22
CA GLY B 158 6.31 -7.51 -20.10
C GLY B 158 6.15 -6.75 -18.81
N ARG B 159 4.97 -6.18 -18.59
CA ARG B 159 4.72 -5.32 -17.45
C ARG B 159 4.24 -6.12 -16.24
N ARG B 160 4.54 -5.60 -15.05
CA ARG B 160 4.08 -6.21 -13.82
C ARG B 160 2.58 -5.98 -13.65
N THR B 161 2.02 -6.60 -12.60
CA THR B 161 0.59 -6.47 -12.35
C THR B 161 0.26 -5.33 -11.39
N GLY B 162 1.12 -5.07 -10.41
CA GLY B 162 0.84 -4.01 -9.45
C GLY B 162 0.79 -2.65 -10.10
N GLU B 163 1.76 -2.35 -10.97
CA GLU B 163 1.79 -1.06 -11.66
C GLU B 163 0.58 -0.89 -12.56
N VAL B 164 0.24 -1.92 -13.32
CA VAL B 164 -0.88 -1.81 -14.26
C VAL B 164 -2.21 -1.75 -13.54
N LEU B 165 -2.32 -2.30 -12.34
CA LEU B 165 -3.57 -2.13 -11.59
C LEU B 165 -3.61 -0.79 -10.87
N ARG B 166 -2.46 -0.29 -10.41
CA ARG B 166 -2.41 1.03 -9.81
C ARG B 166 -2.84 2.10 -10.81
N ILE B 167 -2.38 1.98 -12.06
CA ILE B 167 -2.76 2.97 -13.06
C ILE B 167 -4.27 2.97 -13.26
N ALA B 168 -4.88 1.80 -13.34
CA ALA B 168 -6.31 1.70 -13.58
C ALA B 168 -7.13 2.27 -12.41
N ASP B 169 -6.77 1.88 -11.18
CA ASP B 169 -7.49 2.38 -10.02
C ASP B 169 -7.37 3.90 -9.94
N ARG B 170 -6.14 4.41 -10.10
CA ARG B 170 -5.93 5.84 -10.05
C ARG B 170 -6.68 6.55 -11.17
N GLY B 171 -6.81 5.91 -12.33
CA GLY B 171 -7.55 6.51 -13.42
C GLY B 171 -9.03 6.65 -13.12
N THR B 172 -9.65 5.60 -12.57
CA THR B 172 -11.07 5.71 -12.25
C THR B 172 -11.29 6.75 -11.14
N SER B 173 -10.42 6.75 -10.13
CA SER B 173 -10.53 7.77 -9.10
C SER B 173 -10.30 9.16 -9.67
N SER B 174 -9.43 9.27 -10.67
CA SER B 174 -9.14 10.56 -11.28
C SER B 174 -10.33 11.10 -12.03
N VAL B 175 -11.00 10.25 -12.82
CA VAL B 175 -12.16 10.76 -13.56
C VAL B 175 -13.27 11.18 -12.59
N THR B 176 -13.52 10.36 -11.56
CA THR B 176 -14.56 10.72 -10.60
C THR B 176 -14.22 12.03 -9.88
N GLY B 177 -12.98 12.13 -9.38
CA GLY B 177 -12.59 13.31 -8.64
C GLY B 177 -12.53 14.56 -9.50
N LEU B 178 -12.12 14.42 -10.75
CA LEU B 178 -12.11 15.57 -11.65
C LEU B 178 -13.51 16.09 -11.86
N LEU B 179 -14.46 15.20 -12.18
CA LEU B 179 -15.84 15.64 -12.35
C LEU B 179 -16.32 16.37 -11.11
N SER B 180 -16.18 15.74 -9.94
CA SER B 180 -16.64 16.35 -8.70
C SER B 180 -15.98 17.70 -8.46
N TYR B 181 -14.66 17.69 -8.30
CA TYR B 181 -13.90 18.91 -8.03
C TYR B 181 -14.30 20.04 -8.96
N LEU B 182 -14.07 19.86 -10.27
CA LEU B 182 -14.34 20.95 -11.19
C LEU B 182 -15.79 21.40 -11.06
N VAL B 183 -16.72 20.53 -11.46
CA VAL B 183 -18.09 20.99 -11.71
C VAL B 183 -18.74 21.52 -10.44
N PHE B 184 -18.44 20.95 -9.28
CA PHE B 184 -19.18 21.30 -8.07
C PHE B 184 -18.39 22.13 -7.07
N ASN B 185 -17.13 22.44 -7.33
CA ASN B 185 -16.36 23.22 -6.38
C ASN B 185 -15.51 24.34 -6.97
N VAL B 186 -15.26 24.37 -8.29
CA VAL B 186 -14.39 25.37 -8.87
C VAL B 186 -15.16 26.40 -9.68
N ILE B 187 -16.08 25.95 -10.53
CA ILE B 187 -16.89 26.85 -11.33
C ILE B 187 -17.91 27.59 -10.47
N PRO B 188 -18.57 26.94 -9.49
CA PRO B 188 -19.44 27.71 -8.60
C PRO B 188 -18.75 28.87 -7.91
N THR B 189 -17.51 28.69 -7.47
CA THR B 189 -16.82 29.76 -6.75
C THR B 189 -16.45 30.91 -7.69
N LEU B 190 -15.96 30.58 -8.88
CA LEU B 190 -15.66 31.62 -9.86
C LEU B 190 -16.93 32.31 -10.35
N ALA B 191 -18.09 31.66 -10.22
CA ALA B 191 -19.35 32.34 -10.49
C ALA B 191 -19.73 33.25 -9.33
N ASP B 192 -19.48 32.80 -8.10
CA ASP B 192 -19.77 33.62 -6.93
C ASP B 192 -18.97 34.92 -6.96
N ILE B 193 -17.69 34.84 -7.33
CA ILE B 193 -16.87 36.05 -7.36
C ILE B 193 -17.43 37.05 -8.36
N ILE B 194 -17.78 36.57 -9.56
CA ILE B 194 -18.30 37.46 -10.59
C ILE B 194 -19.65 38.06 -10.16
N ILE B 195 -20.52 37.24 -9.57
CA ILE B 195 -21.83 37.72 -9.14
C ILE B 195 -21.65 38.79 -8.07
N GLY B 196 -20.74 38.58 -7.13
CA GLY B 196 -20.48 39.58 -6.11
C GLY B 196 -19.93 40.86 -6.69
N ILE B 197 -19.02 40.75 -7.66
CA ILE B 197 -18.49 41.93 -8.33
C ILE B 197 -19.63 42.74 -8.95
N ILE B 198 -20.53 42.04 -9.66
CA ILE B 198 -21.64 42.73 -10.32
C ILE B 198 -22.53 43.39 -9.30
N TYR B 199 -22.90 42.65 -8.24
CA TYR B 199 -23.82 43.19 -7.24
C TYR B 199 -23.25 44.42 -6.56
N PHE B 200 -21.98 44.34 -6.15
CA PHE B 200 -21.37 45.48 -5.49
C PHE B 200 -21.22 46.66 -6.44
N SER B 201 -20.82 46.41 -7.68
CA SER B 201 -20.56 47.50 -8.60
C SER B 201 -21.83 48.16 -9.11
N MET B 202 -22.98 47.49 -9.02
CA MET B 202 -24.21 48.06 -9.54
C MET B 202 -25.20 48.50 -8.48
N PHE B 203 -25.35 47.75 -7.40
CA PHE B 203 -26.41 48.01 -6.42
C PHE B 203 -25.89 48.60 -5.11
N PHE B 204 -24.58 48.69 -4.94
CA PHE B 204 -23.98 49.19 -3.71
C PHE B 204 -23.26 50.51 -3.92
N ASN B 205 -22.27 50.53 -4.81
CA ASN B 205 -21.51 51.71 -5.19
C ASN B 205 -20.61 51.32 -6.35
N ALA B 206 -19.72 52.22 -6.75
CA ALA B 206 -18.79 51.92 -7.83
C ALA B 206 -17.44 51.42 -7.32
N TRP B 207 -16.96 51.93 -6.20
CA TRP B 207 -15.61 51.62 -5.74
C TRP B 207 -15.50 50.23 -5.11
N PHE B 208 -16.59 49.73 -4.52
CA PHE B 208 -16.53 48.40 -3.94
C PHE B 208 -16.32 47.33 -4.99
N GLY B 209 -16.79 47.55 -6.21
CA GLY B 209 -16.48 46.65 -7.30
C GLY B 209 -14.98 46.56 -7.54
N LEU B 210 -14.31 47.72 -7.56
CA LEU B 210 -12.86 47.72 -7.69
C LEU B 210 -12.20 46.99 -6.54
N ILE B 211 -12.70 47.23 -5.31
CA ILE B 211 -12.10 46.61 -4.14
C ILE B 211 -12.16 45.08 -4.25
N VAL B 212 -13.36 44.55 -4.51
CA VAL B 212 -13.53 43.12 -4.59
C VAL B 212 -12.74 42.54 -5.75
N PHE B 213 -12.77 43.20 -6.90
CA PHE B 213 -12.05 42.70 -8.08
C PHE B 213 -10.56 42.59 -7.80
N LEU B 214 -9.95 43.66 -7.30
CA LEU B 214 -8.52 43.64 -7.02
C LEU B 214 -8.18 42.59 -5.97
N CYS B 215 -8.98 42.53 -4.89
CA CYS B 215 -8.69 41.56 -3.84
C CYS B 215 -8.70 40.13 -4.37
N MET B 216 -9.75 39.77 -5.12
CA MET B 216 -9.85 38.39 -5.59
C MET B 216 -8.80 38.08 -6.65
N SER B 217 -8.50 39.04 -7.53
CA SER B 217 -7.47 38.82 -8.54
C SER B 217 -6.13 38.55 -7.88
N LEU B 218 -5.75 39.39 -6.90
CA LEU B 218 -4.49 39.17 -6.20
C LEU B 218 -4.50 37.82 -5.49
N TYR B 219 -5.62 37.47 -4.85
CA TYR B 219 -5.70 36.19 -4.14
C TYR B 219 -5.41 35.04 -5.08
N LEU B 220 -6.11 34.97 -6.21
CA LEU B 220 -5.94 33.85 -7.13
C LEU B 220 -4.51 33.81 -7.69
N THR B 221 -3.99 34.97 -8.11
CA THR B 221 -2.66 34.99 -8.69
C THR B 221 -1.61 34.50 -7.71
N LEU B 222 -1.64 35.04 -6.48
CA LEU B 222 -0.65 34.64 -5.48
C LEU B 222 -0.79 33.16 -5.14
N THR B 223 -2.03 32.67 -5.04
CA THR B 223 -2.23 31.27 -4.72
C THR B 223 -1.57 30.37 -5.75
N ILE B 224 -1.83 30.61 -7.04
CA ILE B 224 -1.24 29.76 -8.08
C ILE B 224 0.28 29.85 -8.06
N VAL B 225 0.80 31.08 -7.97
CA VAL B 225 2.24 31.30 -8.05
C VAL B 225 2.96 30.58 -6.92
N VAL B 226 2.43 30.67 -5.70
CA VAL B 226 3.06 29.97 -4.58
C VAL B 226 2.87 28.45 -4.70
N THR B 227 1.72 28.03 -5.24
CA THR B 227 1.41 26.60 -5.25
C THR B 227 2.38 25.81 -6.12
N GLU B 228 2.79 26.35 -7.27
CA GLU B 228 3.74 25.61 -8.11
C GLU B 228 5.05 25.33 -7.36
N TRP B 229 5.61 26.38 -6.75
CA TRP B 229 6.80 26.28 -5.92
C TRP B 229 6.64 25.21 -4.84
N ARG B 230 5.52 25.26 -4.13
CA ARG B 230 5.30 24.29 -3.07
C ARG B 230 5.19 22.87 -3.60
N THR B 231 4.64 22.69 -4.81
CA THR B 231 4.58 21.35 -5.40
C THR B 231 5.97 20.80 -5.64
N LYS B 232 6.88 21.65 -6.13
CA LYS B 232 8.27 21.21 -6.29
C LYS B 232 8.81 20.69 -4.97
N PHE B 233 8.58 21.45 -3.89
CA PHE B 233 9.09 21.00 -2.58
C PHE B 233 8.46 19.69 -2.15
N ARG B 234 7.16 19.53 -2.38
CA ARG B 234 6.44 18.33 -1.95
C ARG B 234 6.97 17.09 -2.64
N ARG B 235 7.20 17.16 -3.95
CA ARG B 235 7.76 16.01 -4.66
C ARG B 235 9.14 15.66 -4.10
N ALA B 236 9.97 16.69 -3.87
CA ALA B 236 11.30 16.44 -3.32
C ALA B 236 11.21 15.70 -1.99
N MET B 237 10.22 16.03 -1.15
CA MET B 237 10.09 15.35 0.14
C MET B 237 9.60 13.91 -0.03
N ASN B 238 8.63 13.70 -0.93
CA ASN B 238 8.01 12.38 -1.06
C ASN B 238 9.03 11.34 -1.51
N THR B 239 9.93 11.72 -2.41
CA THR B 239 10.94 10.75 -2.87
C THR B 239 11.76 10.21 -1.69
N GLN B 240 12.24 11.10 -0.83
CA GLN B 240 13.04 10.67 0.30
C GLN B 240 12.22 9.88 1.31
N GLU B 241 10.94 10.21 1.48
CA GLU B 241 10.10 9.39 2.35
C GLU B 241 10.08 7.94 1.87
N ASN B 242 9.86 7.74 0.57
CA ASN B 242 9.87 6.39 0.04
C ASN B 242 11.21 5.71 0.26
N ALA B 243 12.31 6.45 0.07
CA ALA B 243 13.63 5.87 0.28
C ALA B 243 13.81 5.40 1.74
N THR B 244 13.38 6.21 2.70
CA THR B 244 13.51 5.84 4.10
C THR B 244 12.70 4.58 4.42
N ARG B 245 11.47 4.52 3.90
CA ARG B 245 10.67 3.32 4.13
C ARG B 245 11.34 2.09 3.54
N ALA B 246 11.93 2.22 2.35
CA ALA B 246 12.64 1.10 1.75
C ALA B 246 13.81 0.65 2.61
N ARG B 247 14.57 1.60 3.16
CA ARG B 247 15.70 1.25 4.00
C ARG B 247 15.25 0.49 5.24
N ALA B 248 14.17 0.96 5.87
CA ALA B 248 13.66 0.27 7.06
C ALA B 248 13.19 -1.15 6.72
N VAL B 249 12.45 -1.30 5.62
CA VAL B 249 11.98 -2.62 5.21
C VAL B 249 13.15 -3.54 4.96
N ASP B 250 14.18 -3.04 4.28
CA ASP B 250 15.35 -3.86 3.97
C ASP B 250 16.05 -4.30 5.24
N SER B 251 16.24 -3.39 6.20
CA SER B 251 16.92 -3.77 7.44
C SER B 251 16.10 -4.79 8.23
N LEU B 252 14.78 -4.70 8.17
CA LEU B 252 13.97 -5.67 8.90
C LEU B 252 14.00 -7.05 8.23
N LEU B 253 13.92 -7.10 6.90
CA LEU B 253 13.84 -8.39 6.21
C LEU B 253 15.10 -9.23 6.43
N ASN B 254 16.27 -8.62 6.25
CA ASN B 254 17.53 -9.34 6.36
C ASN B 254 17.98 -9.36 7.81
N PHE B 255 17.60 -10.41 8.54
CA PHE B 255 18.12 -10.59 9.88
C PHE B 255 19.46 -11.32 9.80
N GLU B 256 20.35 -10.80 8.97
CA GLU B 256 21.74 -11.23 8.82
C GLU B 256 22.72 -10.30 9.54
N THR B 257 22.23 -9.11 9.90
CA THR B 257 22.93 -8.14 10.73
C THR B 257 23.63 -8.81 11.91
N VAL B 258 22.99 -9.81 12.50
CA VAL B 258 23.61 -10.55 13.59
C VAL B 258 24.78 -11.38 13.07
N LYS B 259 24.64 -11.95 11.86
CA LYS B 259 25.66 -12.87 11.38
C LYS B 259 26.93 -12.15 10.99
N TYR B 260 26.86 -11.26 10.00
CA TYR B 260 28.10 -10.77 9.40
C TYR B 260 28.74 -9.64 10.20
N TYR B 261 28.18 -9.29 11.34
CA TYR B 261 28.77 -8.35 12.28
C TYR B 261 27.89 -8.27 13.52
N ASN B 262 28.26 -7.44 14.49
CA ASN B 262 27.29 -6.96 15.47
C ASN B 262 26.76 -5.59 15.00
N ALA B 263 26.25 -5.61 13.77
CA ALA B 263 25.96 -4.38 13.03
C ALA B 263 24.58 -3.81 13.31
N GLU B 264 24.00 -4.09 14.48
CA GLU B 264 22.75 -3.46 14.84
C GLU B 264 22.91 -1.94 14.91
N SER B 265 24.00 -1.48 15.51
CA SER B 265 24.23 -0.04 15.66
C SER B 265 24.38 0.64 14.30
N TYR B 266 25.07 0.00 13.36
CA TYR B 266 25.25 0.59 12.03
C TYR B 266 23.90 0.73 11.31
N GLU B 267 23.07 -0.31 11.39
CA GLU B 267 21.75 -0.24 10.78
C GLU B 267 20.85 0.78 11.47
N VAL B 268 21.07 1.02 12.77
CA VAL B 268 20.34 2.09 13.44
C VAL B 268 20.82 3.46 12.96
N GLU B 269 22.13 3.63 12.82
CA GLU B 269 22.69 4.93 12.49
C GLU B 269 22.32 5.35 11.08
N ARG B 270 22.37 4.42 10.11
CA ARG B 270 21.97 4.77 8.76
C ARG B 270 20.49 5.17 8.71
N TYR B 271 19.66 4.46 9.47
CA TYR B 271 18.24 4.82 9.57
C TYR B 271 18.09 6.23 10.13
N ARG B 272 18.87 6.57 11.15
CA ARG B 272 18.78 7.91 11.74
C ARG B 272 19.16 8.98 10.72
N GLU B 273 20.24 8.75 9.97
CA GLU B 273 20.65 9.73 8.97
C GLU B 273 19.56 9.92 7.91
N ALA B 274 18.98 8.83 7.44
CA ALA B 274 17.91 8.94 6.45
C ALA B 274 16.71 9.69 7.03
N ILE B 275 16.39 9.42 8.30
CA ILE B 275 15.28 10.12 8.94
C ILE B 275 15.55 11.62 8.99
N ILE B 276 16.79 12.00 9.32
CA ILE B 276 17.12 13.42 9.40
C ILE B 276 16.97 14.10 8.04
N LYS B 277 17.44 13.43 6.98
CA LYS B 277 17.29 13.99 5.64
C LYS B 277 15.81 14.20 5.30
N TYR B 278 14.98 13.18 5.58
CA TYR B 278 13.56 13.30 5.31
C TYR B 278 12.94 14.43 6.11
N GLN B 279 13.36 14.58 7.37
CA GLN B 279 12.79 15.63 8.21
C GLN B 279 13.14 17.02 7.70
N GLY B 280 14.37 17.20 7.20
CA GLY B 280 14.71 18.48 6.60
C GLY B 280 13.83 18.82 5.42
N LEU B 281 13.64 17.85 4.51
CA LEU B 281 12.77 18.10 3.37
C LEU B 281 11.33 18.41 3.81
N GLU B 282 10.84 17.67 4.81
CA GLU B 282 9.48 17.88 5.30
C GLU B 282 9.33 19.28 5.89
N TRP B 283 10.34 19.74 6.65
CA TRP B 283 10.27 21.08 7.21
C TRP B 283 10.19 22.13 6.11
N LYS B 284 11.00 21.98 5.06
CA LYS B 284 10.92 22.92 3.94
C LYS B 284 9.51 22.96 3.36
N SER B 285 8.94 21.79 3.08
CA SER B 285 7.62 21.74 2.46
C SER B 285 6.56 22.41 3.34
N SER B 286 6.57 22.09 4.63
CA SER B 286 5.50 22.60 5.49
C SER B 286 5.66 24.08 5.78
N ALA B 287 6.90 24.58 5.83
CA ALA B 287 7.09 26.03 5.92
C ALA B 287 6.54 26.72 4.68
N SER B 288 6.74 26.12 3.51
CA SER B 288 6.12 26.69 2.30
C SER B 288 4.59 26.74 2.44
N LEU B 289 4.00 25.68 3.00
CA LEU B 289 2.54 25.70 3.21
C LEU B 289 2.13 26.85 4.12
N VAL B 290 2.85 27.06 5.21
CA VAL B 290 2.51 28.15 6.13
C VAL B 290 2.62 29.49 5.42
N LEU B 291 3.64 29.66 4.59
CA LEU B 291 3.78 30.92 3.85
C LEU B 291 2.59 31.15 2.92
N LEU B 292 2.12 30.09 2.25
CA LEU B 292 0.96 30.23 1.38
C LEU B 292 -0.27 30.67 2.17
N ASN B 293 -0.50 30.03 3.32
CA ASN B 293 -1.63 30.41 4.16
C ASN B 293 -1.54 31.87 4.56
N GLN B 294 -0.34 32.31 4.97
CA GLN B 294 -0.18 33.68 5.44
C GLN B 294 -0.41 34.69 4.33
N THR B 295 0.08 34.43 3.12
CA THR B 295 -0.13 35.40 2.06
C THR B 295 -1.61 35.49 1.67
N GLN B 296 -2.31 34.35 1.65
CA GLN B 296 -3.75 34.42 1.38
C GLN B 296 -4.47 35.24 2.45
N ASN B 297 -4.13 35.00 3.72
CA ASN B 297 -4.77 35.73 4.80
C ASN B 297 -4.49 37.21 4.72
N LEU B 298 -3.25 37.59 4.37
CA LEU B 298 -2.91 38.99 4.27
C LEU B 298 -3.69 39.67 3.15
N VAL B 299 -3.84 39.00 2.00
CA VAL B 299 -4.60 39.60 0.91
C VAL B 299 -6.04 39.83 1.33
N ILE B 300 -6.67 38.82 1.94
CA ILE B 300 -8.07 39.01 2.31
C ILE B 300 -8.21 40.07 3.40
N GLY B 301 -7.24 40.14 4.32
CA GLY B 301 -7.30 41.17 5.35
C GLY B 301 -7.18 42.57 4.79
N LEU B 302 -6.28 42.78 3.82
CA LEU B 302 -6.18 44.09 3.19
C LEU B 302 -7.48 44.47 2.50
N GLY B 303 -8.08 43.52 1.77
CA GLY B 303 -9.35 43.80 1.13
C GLY B 303 -10.42 44.19 2.14
N LEU B 304 -10.51 43.44 3.24
CA LEU B 304 -11.51 43.73 4.25
C LEU B 304 -11.27 45.10 4.89
N LEU B 305 -10.02 45.44 5.16
CA LEU B 305 -9.72 46.73 5.77
C LEU B 305 -10.15 47.87 4.86
N ALA B 306 -9.78 47.81 3.58
CA ALA B 306 -10.14 48.89 2.67
C ALA B 306 -11.65 49.01 2.56
N GLY B 307 -12.34 47.90 2.38
CA GLY B 307 -13.79 47.95 2.25
C GLY B 307 -14.48 48.48 3.49
N SER B 308 -14.06 48.02 4.67
CA SER B 308 -14.69 48.45 5.90
C SER B 308 -14.45 49.94 6.16
N LEU B 309 -13.24 50.43 5.92
CA LEU B 309 -12.98 51.85 6.13
C LEU B 309 -13.82 52.70 5.19
N LEU B 310 -13.88 52.32 3.91
CA LEU B 310 -14.69 53.10 2.97
C LEU B 310 -16.15 53.08 3.35
N CYS B 311 -16.67 51.90 3.74
CA CYS B 311 -18.08 51.80 4.10
C CYS B 311 -18.41 52.63 5.33
N ALA B 312 -17.53 52.60 6.34
CA ALA B 312 -17.78 53.41 7.54
C ALA B 312 -17.77 54.89 7.21
N TYR B 313 -16.80 55.34 6.40
CA TYR B 313 -16.77 56.75 6.03
C TYR B 313 -18.03 57.15 5.28
N PHE B 314 -18.51 56.29 4.38
CA PHE B 314 -19.71 56.61 3.63
C PHE B 314 -20.94 56.62 4.53
N VAL B 315 -20.99 55.73 5.52
CA VAL B 315 -22.13 55.72 6.43
C VAL B 315 -22.16 57.00 7.26
N THR B 316 -21.00 57.46 7.73
CA THR B 316 -20.96 58.69 8.49
C THR B 316 -21.46 59.88 7.67
N GLU B 317 -21.25 59.84 6.35
CA GLU B 317 -21.67 60.93 5.46
C GLU B 317 -23.09 60.76 4.93
N GLN B 318 -23.90 59.92 5.57
CA GLN B 318 -25.31 59.73 5.24
C GLN B 318 -25.54 59.25 3.81
N LYS B 319 -24.56 58.55 3.24
CA LYS B 319 -24.74 57.97 1.90
C LYS B 319 -25.20 56.52 1.95
N LEU B 320 -24.74 55.77 2.93
CA LEU B 320 -25.11 54.37 3.11
C LEU B 320 -25.78 54.19 4.47
N GLN B 321 -26.54 53.10 4.60
CA GLN B 321 -27.22 52.80 5.84
C GLN B 321 -26.34 51.92 6.73
N VAL B 322 -26.77 51.76 7.98
CA VAL B 322 -25.99 50.98 8.96
C VAL B 322 -25.87 49.53 8.52
N GLY B 323 -26.90 48.98 7.88
CA GLY B 323 -26.86 47.59 7.48
C GLY B 323 -25.86 47.28 6.39
N ASP B 324 -25.47 48.28 5.60
CA ASP B 324 -24.53 48.03 4.51
C ASP B 324 -23.18 47.59 5.03
N TYR B 325 -22.78 48.07 6.21
CA TYR B 325 -21.52 47.67 6.81
C TYR B 325 -21.49 46.16 7.07
N VAL B 326 -22.52 45.66 7.77
CA VAL B 326 -22.56 44.23 8.04
C VAL B 326 -22.78 43.44 6.76
N LEU B 327 -23.49 44.01 5.79
CA LEU B 327 -23.62 43.36 4.49
C LEU B 327 -22.25 43.11 3.87
N PHE B 328 -21.42 44.15 3.80
CA PHE B 328 -20.10 44.00 3.21
C PHE B 328 -19.25 43.01 3.98
N GLY B 329 -19.25 43.11 5.31
CA GLY B 329 -18.43 42.20 6.10
C GLY B 329 -18.82 40.75 5.91
N THR B 330 -20.13 40.47 6.00
CA THR B 330 -20.60 39.11 5.84
C THR B 330 -20.31 38.59 4.44
N TYR B 331 -20.50 39.42 3.41
CA TYR B 331 -20.28 38.93 2.06
C TYR B 331 -18.80 38.68 1.80
N ILE B 332 -17.91 39.50 2.36
CA ILE B 332 -16.49 39.26 2.18
C ILE B 332 -16.07 37.96 2.86
N ILE B 333 -16.57 37.71 4.08
CA ILE B 333 -16.26 36.44 4.73
C ILE B 333 -16.80 35.27 3.93
N GLN B 334 -18.01 35.43 3.39
CA GLN B 334 -18.64 34.38 2.60
C GLN B 334 -17.84 34.06 1.35
N LEU B 335 -17.31 35.09 0.68
CA LEU B 335 -16.43 34.86 -0.45
C LEU B 335 -15.14 34.17 -0.01
N TYR B 336 -14.59 34.59 1.14
CA TYR B 336 -13.29 34.05 1.56
C TYR B 336 -13.38 32.56 1.83
N MET B 337 -14.47 32.10 2.45
CA MET B 337 -14.49 30.73 2.94
C MET B 337 -14.23 29.67 1.87
N PRO B 338 -14.88 29.69 0.70
CA PRO B 338 -14.51 28.70 -0.33
C PRO B 338 -13.12 28.90 -0.89
N LEU B 339 -12.60 30.14 -0.91
CA LEU B 339 -11.30 30.40 -1.50
C LEU B 339 -10.15 29.78 -0.72
N ASN B 340 -10.42 29.29 0.50
CA ASN B 340 -9.36 28.75 1.34
C ASN B 340 -8.76 27.46 0.80
N TRP B 341 -9.37 26.84 -0.22
CA TRP B 341 -8.97 25.53 -0.69
C TRP B 341 -8.71 25.54 -2.19
N PHE B 342 -7.97 26.52 -2.68
CA PHE B 342 -7.71 26.56 -4.11
C PHE B 342 -6.33 26.06 -4.51
N GLY B 343 -5.32 26.19 -3.65
CA GLY B 343 -4.06 25.54 -3.94
C GLY B 343 -4.21 24.04 -4.01
N THR B 344 -4.98 23.46 -3.08
CA THR B 344 -5.26 22.03 -3.10
C THR B 344 -5.99 21.64 -4.38
N TYR B 345 -6.97 22.44 -4.79
CA TYR B 345 -7.72 22.11 -5.99
C TYR B 345 -6.85 22.20 -7.24
N TYR B 346 -5.96 23.19 -7.31
CA TYR B 346 -5.02 23.28 -8.42
C TYR B 346 -4.14 22.03 -8.49
N ARG B 347 -3.55 21.66 -7.34
CA ARG B 347 -2.71 20.47 -7.29
C ARG B 347 -3.47 19.24 -7.75
N MET B 348 -4.64 19.01 -7.17
CA MET B 348 -5.40 17.80 -7.46
C MET B 348 -5.87 17.78 -8.90
N ILE B 349 -6.24 18.93 -9.47
CA ILE B 349 -6.67 18.97 -10.86
C ILE B 349 -5.52 18.57 -11.78
N GLN B 350 -4.34 19.12 -11.53
CA GLN B 350 -3.20 18.76 -12.38
C GLN B 350 -2.88 17.27 -12.26
N THR B 351 -2.81 16.76 -11.02
CA THR B 351 -2.47 15.37 -10.81
C THR B 351 -3.49 14.44 -11.47
N ASN B 352 -4.78 14.73 -11.29
CA ASN B 352 -5.81 13.89 -11.86
C ASN B 352 -5.83 13.99 -13.38
N PHE B 353 -5.47 15.14 -13.94
CA PHE B 353 -5.39 15.24 -15.39
C PHE B 353 -4.30 14.32 -15.95
N ILE B 354 -3.11 14.35 -15.34
CA ILE B 354 -2.06 13.47 -15.85
C ILE B 354 -2.42 12.01 -15.63
N ASP B 355 -3.09 11.70 -14.51
CA ASP B 355 -3.49 10.33 -14.23
C ASP B 355 -4.52 9.84 -15.25
N MET B 356 -5.50 10.68 -15.57
CA MET B 356 -6.51 10.31 -16.55
C MET B 356 -5.89 10.15 -17.93
N GLU B 357 -4.87 10.97 -18.24
CA GLU B 357 -4.16 10.77 -19.51
C GLU B 357 -3.47 9.41 -19.54
N ASN B 358 -2.86 9.01 -18.42
CA ASN B 358 -2.26 7.66 -18.37
C ASN B 358 -3.31 6.58 -18.60
N MET B 359 -4.46 6.71 -17.94
CA MET B 359 -5.51 5.70 -18.07
C MET B 359 -6.03 5.64 -19.50
N PHE B 360 -6.24 6.80 -20.12
CA PHE B 360 -6.68 6.83 -21.52
C PHE B 360 -5.62 6.22 -22.44
N ASP B 361 -4.34 6.47 -22.17
CA ASP B 361 -3.28 5.95 -23.03
C ASP B 361 -3.03 4.46 -22.84
N LEU B 362 -3.49 3.86 -21.75
CA LEU B 362 -3.53 2.40 -21.73
C LEU B 362 -4.86 1.83 -22.24
N LEU B 363 -5.93 2.63 -22.21
CA LEU B 363 -7.17 2.20 -22.86
C LEU B 363 -7.04 2.19 -24.38
N LYS B 364 -6.23 3.09 -24.94
CA LYS B 364 -5.99 3.15 -26.38
C LYS B 364 -4.95 2.13 -26.83
N GLU B 365 -4.20 1.54 -25.92
CA GLU B 365 -3.13 0.61 -26.30
C GLU B 365 -3.80 -0.65 -26.82
N GLU B 366 -4.12 -0.61 -28.12
CA GLU B 366 -4.71 -1.76 -28.81
C GLU B 366 -3.58 -2.61 -29.37
N THR B 367 -2.88 -3.29 -28.46
CA THR B 367 -1.86 -4.27 -28.84
C THR B 367 -2.42 -5.69 -28.74
N GLU B 368 -3.30 -6.01 -29.69
CA GLU B 368 -3.82 -7.37 -29.84
C GLU B 368 -3.09 -8.13 -30.94
N VAL B 369 -1.76 -7.97 -31.03
CA VAL B 369 -0.95 -8.40 -32.17
C VAL B 369 -1.41 -9.74 -32.73
N LYS B 370 -1.74 -10.69 -31.84
CA LYS B 370 -2.34 -11.95 -32.26
C LYS B 370 -3.86 -11.80 -32.33
N ASP B 371 -4.30 -11.00 -33.30
CA ASP B 371 -5.71 -10.65 -33.44
C ASP B 371 -6.43 -11.69 -34.29
N LEU B 372 -7.65 -11.36 -34.71
CA LEU B 372 -8.55 -12.28 -35.42
C LEU B 372 -8.95 -11.67 -36.76
N PRO B 373 -8.20 -11.95 -37.83
CA PRO B 373 -8.69 -11.58 -39.16
C PRO B 373 -9.59 -12.66 -39.73
N GLY B 374 -10.86 -12.34 -39.97
CA GLY B 374 -11.82 -13.34 -40.39
C GLY B 374 -12.51 -14.00 -39.22
N ALA B 375 -13.40 -14.94 -39.56
CA ALA B 375 -14.19 -15.65 -38.55
C ALA B 375 -14.45 -17.06 -39.05
N GLY B 376 -15.37 -17.76 -38.37
CA GLY B 376 -15.71 -19.12 -38.72
C GLY B 376 -15.07 -20.11 -37.77
N PRO B 377 -15.89 -20.78 -36.95
CA PRO B 377 -15.35 -21.70 -35.94
C PRO B 377 -14.60 -22.86 -36.57
N LEU B 378 -13.57 -23.32 -35.87
CA LEU B 378 -12.78 -24.45 -36.32
C LEU B 378 -13.62 -25.73 -36.30
N ARG B 379 -13.55 -26.50 -37.38
CA ARG B 379 -14.30 -27.74 -37.51
C ARG B 379 -13.42 -28.88 -36.98
N PHE B 380 -13.69 -29.30 -35.74
CA PHE B 380 -12.87 -30.33 -35.10
C PHE B 380 -13.45 -31.70 -35.43
N GLN B 381 -13.03 -32.25 -36.56
CA GLN B 381 -13.48 -33.58 -36.95
C GLN B 381 -12.84 -34.64 -36.08
N LYS B 382 -11.51 -34.79 -36.16
CA LYS B 382 -10.81 -35.79 -35.36
C LYS B 382 -9.58 -35.27 -34.62
N GLY B 383 -8.89 -34.24 -35.11
CA GLY B 383 -7.76 -33.71 -34.38
C GLY B 383 -6.40 -33.86 -35.04
N ARG B 384 -6.37 -33.83 -36.37
CA ARG B 384 -5.11 -33.92 -37.10
C ARG B 384 -4.38 -32.59 -37.04
N ILE B 385 -3.12 -32.61 -36.61
CA ILE B 385 -2.29 -31.41 -36.48
C ILE B 385 -1.17 -31.50 -37.50
N GLU B 386 -0.91 -30.38 -38.17
CA GLU B 386 0.10 -30.32 -39.22
C GLU B 386 1.08 -29.18 -38.94
N PHE B 387 2.26 -29.29 -39.54
CA PHE B 387 3.31 -28.29 -39.39
C PHE B 387 4.10 -28.21 -40.69
N GLU B 388 4.54 -27.01 -41.05
CA GLU B 388 5.30 -26.77 -42.27
C GLU B 388 6.36 -25.71 -42.00
N ASN B 389 7.58 -26.16 -41.70
CA ASN B 389 8.78 -25.32 -41.59
C ASN B 389 8.49 -23.96 -40.95
N VAL B 390 7.78 -23.99 -39.83
CA VAL B 390 7.36 -22.75 -39.18
C VAL B 390 8.57 -21.98 -38.68
N HIS B 391 8.52 -20.67 -38.82
CA HIS B 391 9.56 -19.78 -38.34
C HIS B 391 8.97 -18.90 -37.24
N PHE B 392 9.57 -18.96 -36.06
CA PHE B 392 9.10 -18.16 -34.92
C PHE B 392 10.28 -17.65 -34.13
N SER B 393 10.18 -16.41 -33.65
CA SER B 393 11.25 -15.81 -32.87
C SER B 393 10.64 -14.70 -32.01
N TYR B 394 10.49 -14.98 -30.71
CA TYR B 394 10.02 -13.97 -29.78
C TYR B 394 11.14 -13.27 -29.03
N ALA B 395 12.25 -13.96 -28.78
CA ALA B 395 13.43 -13.30 -28.23
C ALA B 395 14.15 -12.55 -29.35
N ASP B 396 14.53 -11.30 -29.05
CA ASP B 396 15.12 -10.45 -30.08
C ASP B 396 16.48 -11.00 -30.52
N GLY B 397 16.78 -10.82 -31.81
CA GLY B 397 18.03 -11.28 -32.38
C GLY B 397 18.01 -12.73 -32.80
N ARG B 398 18.08 -13.64 -31.83
CA ARG B 398 18.07 -15.06 -32.13
C ARG B 398 16.67 -15.53 -32.51
N GLU B 399 16.62 -16.60 -33.30
CA GLU B 399 15.36 -17.24 -33.68
C GLU B 399 15.34 -18.66 -33.11
N THR B 400 14.19 -19.05 -32.56
CA THR B 400 14.08 -20.33 -31.86
C THR B 400 13.62 -21.45 -32.78
N LEU B 401 12.45 -21.29 -33.39
CA LEU B 401 11.86 -22.33 -34.21
C LEU B 401 12.10 -22.03 -35.69
N GLN B 402 12.80 -22.92 -36.38
CA GLN B 402 13.03 -22.80 -37.81
C GLN B 402 12.98 -24.18 -38.44
N ASP B 403 12.36 -24.26 -39.62
CA ASP B 403 12.24 -25.48 -40.41
C ASP B 403 11.79 -26.66 -39.55
N VAL B 404 10.62 -26.50 -38.95
CA VAL B 404 10.04 -27.53 -38.08
C VAL B 404 8.71 -27.97 -38.69
N SER B 405 8.58 -29.27 -38.96
CA SER B 405 7.38 -29.81 -39.57
C SER B 405 7.20 -31.25 -39.11
N PHE B 406 6.00 -31.56 -38.63
CA PHE B 406 5.66 -32.91 -38.21
C PHE B 406 4.14 -33.06 -38.27
N THR B 407 3.66 -34.27 -37.97
CA THR B 407 2.26 -34.59 -38.09
C THR B 407 1.90 -35.68 -37.10
N VAL B 408 0.72 -35.55 -36.49
CA VAL B 408 0.20 -36.54 -35.55
C VAL B 408 -1.13 -37.06 -36.09
N MET B 409 -1.25 -38.39 -36.14
CA MET B 409 -2.51 -39.02 -36.50
C MET B 409 -3.50 -38.86 -35.36
N PRO B 410 -4.80 -38.81 -35.67
CA PRO B 410 -5.80 -38.75 -34.59
C PRO B 410 -5.64 -39.89 -33.60
N GLY B 411 -5.66 -39.56 -32.32
CA GLY B 411 -5.46 -40.51 -31.25
C GLY B 411 -4.00 -40.79 -30.92
N GLN B 412 -3.11 -40.68 -31.91
CA GLN B 412 -1.70 -40.97 -31.68
C GLN B 412 -1.08 -39.94 -30.74
N THR B 413 -0.11 -40.40 -29.95
CA THR B 413 0.55 -39.58 -28.96
C THR B 413 1.96 -39.24 -29.44
N LEU B 414 2.30 -37.95 -29.40
CA LEU B 414 3.63 -37.48 -29.76
C LEU B 414 4.34 -36.95 -28.52
N ALA B 415 5.63 -37.23 -28.42
CA ALA B 415 6.45 -36.74 -27.32
C ALA B 415 7.53 -35.82 -27.85
N LEU B 416 8.04 -34.97 -26.96
CA LEU B 416 9.12 -34.04 -27.28
C LEU B 416 10.16 -34.11 -26.19
N VAL B 417 11.42 -34.38 -26.58
CA VAL B 417 12.52 -34.49 -25.64
C VAL B 417 13.69 -33.66 -26.16
N GLY B 418 14.56 -33.27 -25.24
CA GLY B 418 15.73 -32.50 -25.57
C GLY B 418 16.31 -31.78 -24.37
N PRO B 419 17.30 -30.93 -24.60
CA PRO B 419 17.88 -30.17 -23.50
C PRO B 419 16.90 -29.18 -22.91
N SER B 420 17.12 -28.85 -21.64
CA SER B 420 16.27 -27.87 -20.98
C SER B 420 16.36 -26.52 -21.69
N GLY B 421 15.21 -25.93 -21.96
CA GLY B 421 15.15 -24.69 -22.71
C GLY B 421 13.74 -24.15 -22.85
N ALA B 422 13.37 -23.73 -24.05
CA ALA B 422 12.05 -23.19 -24.29
C ALA B 422 11.33 -23.77 -25.50
N GLY B 423 12.03 -24.49 -26.38
CA GLY B 423 11.44 -24.87 -27.66
C GLY B 423 10.18 -25.70 -27.53
N LYS B 424 10.17 -26.65 -26.59
CA LYS B 424 8.99 -27.50 -26.41
C LYS B 424 7.80 -26.69 -25.88
N SER B 425 8.02 -25.93 -24.81
CA SER B 425 6.95 -25.07 -24.31
C SER B 425 6.58 -24.00 -25.33
N THR B 426 7.56 -23.53 -26.09
CA THR B 426 7.28 -22.55 -27.13
C THR B 426 6.32 -23.11 -28.17
N ILE B 427 6.59 -24.32 -28.66
CA ILE B 427 5.72 -24.92 -29.67
C ILE B 427 4.35 -25.22 -29.08
N LEU B 428 4.30 -25.59 -27.79
CA LEU B 428 3.01 -25.76 -27.14
C LEU B 428 2.21 -24.46 -27.14
N ARG B 429 2.88 -23.34 -26.85
CA ARG B 429 2.21 -22.04 -26.90
C ARG B 429 1.75 -21.70 -28.32
N LEU B 430 2.60 -21.99 -29.32
CA LEU B 430 2.22 -21.70 -30.70
C LEU B 430 0.97 -22.47 -31.11
N LEU B 431 0.88 -23.74 -30.72
CA LEU B 431 -0.30 -24.53 -31.10
C LEU B 431 -1.58 -23.94 -30.51
N PHE B 432 -1.49 -23.27 -29.36
CA PHE B 432 -2.66 -22.74 -28.69
C PHE B 432 -3.05 -21.34 -29.16
N ARG B 433 -2.35 -20.78 -30.15
CA ARG B 433 -2.62 -19.45 -30.67
C ARG B 433 -2.44 -18.39 -29.59
N PHE B 434 -1.24 -18.38 -29.00
CA PHE B 434 -0.81 -17.32 -28.10
C PHE B 434 0.04 -16.27 -28.80
N TYR B 435 1.09 -16.71 -29.49
CA TYR B 435 1.86 -15.86 -30.36
C TYR B 435 1.46 -16.12 -31.81
N ASP B 436 2.21 -15.53 -32.74
CA ASP B 436 1.94 -15.70 -34.16
C ASP B 436 3.19 -16.20 -34.87
N ILE B 437 2.99 -16.97 -35.93
CA ILE B 437 4.08 -17.51 -36.73
C ILE B 437 4.60 -16.42 -37.65
N SER B 438 5.93 -16.18 -37.60
CA SER B 438 6.52 -15.18 -38.49
C SER B 438 6.40 -15.61 -39.95
N SER B 439 6.68 -16.87 -40.24
CA SER B 439 6.54 -17.40 -41.59
C SER B 439 6.35 -18.90 -41.51
N GLY B 440 5.50 -19.42 -42.39
CA GLY B 440 5.23 -20.86 -42.40
C GLY B 440 3.75 -21.18 -42.46
N CYS B 441 3.37 -22.32 -41.90
CA CYS B 441 1.98 -22.78 -41.94
C CYS B 441 1.74 -23.74 -40.80
N ILE B 442 0.57 -23.64 -40.18
CA ILE B 442 0.19 -24.54 -39.09
C ILE B 442 -1.32 -24.78 -39.15
N ARG B 443 -1.71 -26.04 -39.25
CA ARG B 443 -3.10 -26.40 -39.51
C ARG B 443 -3.59 -27.41 -38.50
N ILE B 444 -4.90 -27.38 -38.26
CA ILE B 444 -5.61 -28.40 -37.48
C ILE B 444 -6.70 -28.98 -38.38
N ASP B 445 -6.55 -30.27 -38.72
CA ASP B 445 -7.50 -30.96 -39.59
C ASP B 445 -7.61 -30.27 -40.95
N GLY B 446 -6.46 -29.96 -41.54
CA GLY B 446 -6.43 -29.32 -42.84
C GLY B 446 -7.05 -27.94 -42.86
N GLN B 447 -6.89 -27.18 -41.79
CA GLN B 447 -7.47 -25.84 -41.68
C GLN B 447 -6.48 -24.93 -40.99
N ASP B 448 -6.06 -23.87 -41.67
CA ASP B 448 -5.10 -22.94 -41.09
C ASP B 448 -5.74 -22.20 -39.91
N ILE B 449 -5.04 -22.19 -38.78
CA ILE B 449 -5.57 -21.56 -37.57
C ILE B 449 -5.35 -20.06 -37.56
N SER B 450 -4.62 -19.52 -38.54
CA SER B 450 -4.46 -18.07 -38.65
C SER B 450 -5.73 -17.39 -39.12
N GLN B 451 -6.60 -18.10 -39.82
CA GLN B 451 -7.85 -17.55 -40.33
C GLN B 451 -9.06 -17.94 -39.47
N VAL B 452 -8.85 -18.61 -38.35
CA VAL B 452 -9.94 -19.08 -37.52
C VAL B 452 -10.06 -18.19 -36.29
N THR B 453 -11.25 -18.17 -35.71
CA THR B 453 -11.46 -17.42 -34.48
C THR B 453 -10.75 -18.08 -33.30
N GLN B 454 -10.29 -17.24 -32.37
CA GLN B 454 -9.52 -17.75 -31.24
C GLN B 454 -10.39 -18.50 -30.24
N ALA B 455 -11.67 -18.11 -30.13
CA ALA B 455 -12.52 -18.67 -29.09
C ALA B 455 -12.72 -20.18 -29.27
N SER B 456 -13.13 -20.60 -30.46
CA SER B 456 -13.36 -22.03 -30.71
C SER B 456 -12.07 -22.82 -30.61
N LEU B 457 -10.98 -22.26 -31.15
CA LEU B 457 -9.67 -22.92 -31.06
C LEU B 457 -9.32 -23.20 -29.62
N ARG B 458 -9.37 -22.18 -28.77
CA ARG B 458 -9.01 -22.37 -27.36
C ARG B 458 -10.02 -23.23 -26.62
N SER B 459 -11.27 -23.28 -27.09
CA SER B 459 -12.26 -24.13 -26.46
C SER B 459 -12.00 -25.60 -26.75
N HIS B 460 -11.54 -25.92 -27.96
CA HIS B 460 -11.42 -27.31 -28.39
C HIS B 460 -10.18 -28.01 -27.88
N ILE B 461 -9.21 -27.27 -27.31
CA ILE B 461 -7.91 -27.84 -26.97
C ILE B 461 -7.75 -27.81 -25.45
N GLY B 462 -7.60 -28.99 -24.85
CA GLY B 462 -7.29 -29.08 -23.44
C GLY B 462 -5.80 -29.03 -23.17
N VAL B 463 -5.45 -28.89 -21.89
CA VAL B 463 -4.06 -28.67 -21.53
C VAL B 463 -3.87 -28.86 -20.03
N VAL B 464 -2.70 -29.37 -19.63
CA VAL B 464 -2.28 -29.45 -18.24
C VAL B 464 -0.98 -28.66 -18.11
N PRO B 465 -0.94 -27.59 -17.33
CA PRO B 465 0.23 -26.70 -17.32
C PRO B 465 1.36 -27.27 -16.48
N GLN B 466 2.42 -26.47 -16.35
CA GLN B 466 3.56 -26.85 -15.52
C GLN B 466 3.14 -27.03 -14.06
N ASP B 467 2.68 -25.94 -13.44
CA ASP B 467 2.08 -26.00 -12.11
C ASP B 467 0.75 -25.27 -12.17
N THR B 468 -0.33 -25.98 -11.85
CA THR B 468 -1.64 -25.36 -11.83
C THR B 468 -1.79 -24.51 -10.58
N VAL B 469 -2.64 -23.49 -10.68
CA VAL B 469 -2.88 -22.55 -9.60
C VAL B 469 -4.35 -22.54 -9.27
N LEU B 470 -4.67 -22.63 -7.97
CA LEU B 470 -6.04 -22.59 -7.48
C LEU B 470 -6.28 -21.22 -6.86
N PHE B 471 -7.14 -20.42 -7.48
CA PHE B 471 -7.48 -19.13 -6.90
C PHE B 471 -8.36 -19.32 -5.67
N ASN B 472 -8.38 -18.30 -4.83
CA ASN B 472 -9.01 -18.40 -3.51
C ASN B 472 -10.51 -18.56 -3.69
N ASP B 473 -10.98 -19.80 -3.52
CA ASP B 473 -12.40 -20.14 -3.57
C ASP B 473 -12.53 -21.59 -3.08
N THR B 474 -13.74 -22.13 -3.20
CA THR B 474 -14.00 -23.50 -2.76
C THR B 474 -13.50 -24.50 -3.80
N ILE B 475 -13.31 -25.74 -3.35
CA ILE B 475 -12.83 -26.80 -4.24
C ILE B 475 -13.84 -27.05 -5.35
N ALA B 476 -15.13 -27.08 -5.02
CA ALA B 476 -16.16 -27.30 -6.04
C ALA B 476 -16.10 -26.22 -7.11
N ASP B 477 -15.89 -24.96 -6.70
CA ASP B 477 -15.77 -23.89 -7.68
C ASP B 477 -14.55 -24.06 -8.56
N ASN B 478 -13.41 -24.45 -7.97
CA ASN B 478 -12.22 -24.69 -8.78
C ASN B 478 -12.46 -25.80 -9.80
N ILE B 479 -13.19 -26.84 -9.40
CA ILE B 479 -13.49 -27.94 -10.33
C ILE B 479 -14.40 -27.44 -11.45
N ARG B 480 -15.49 -26.75 -11.11
CA ARG B 480 -16.42 -26.29 -12.12
C ARG B 480 -15.86 -25.18 -12.98
N TYR B 481 -14.72 -24.59 -12.59
CA TYR B 481 -14.11 -23.54 -13.39
C TYR B 481 -13.78 -24.00 -14.81
N GLY B 482 -13.62 -25.31 -15.02
CA GLY B 482 -13.40 -25.80 -16.37
C GLY B 482 -14.59 -25.54 -17.28
N ARG B 483 -15.80 -25.73 -16.77
CA ARG B 483 -17.02 -25.42 -17.50
C ARG B 483 -18.04 -24.91 -16.50
N VAL B 484 -18.36 -23.62 -16.58
CA VAL B 484 -19.15 -22.98 -15.52
C VAL B 484 -20.59 -23.51 -15.52
N THR B 485 -21.18 -23.69 -16.69
CA THR B 485 -22.60 -24.02 -16.77
C THR B 485 -22.93 -25.39 -16.18
N ALA B 486 -21.94 -26.28 -16.07
CA ALA B 486 -22.21 -27.63 -15.59
C ALA B 486 -22.67 -27.61 -14.14
N GLY B 487 -23.50 -28.61 -13.79
CA GLY B 487 -24.04 -28.73 -12.46
C GLY B 487 -23.06 -29.41 -11.51
N ASN B 488 -23.56 -29.66 -10.30
CA ASN B 488 -22.72 -30.22 -9.25
C ASN B 488 -22.44 -31.70 -9.49
N ASP B 489 -23.42 -32.44 -10.03
CA ASP B 489 -23.24 -33.88 -10.23
C ASP B 489 -22.09 -34.18 -11.17
N GLU B 490 -21.94 -33.37 -12.23
CA GLU B 490 -20.78 -33.53 -13.10
C GLU B 490 -19.48 -33.27 -12.35
N VAL B 491 -19.49 -32.29 -11.45
CA VAL B 491 -18.31 -31.99 -10.65
C VAL B 491 -17.92 -33.22 -9.82
N GLU B 492 -18.89 -33.81 -9.14
CA GLU B 492 -18.60 -34.98 -8.31
C GLU B 492 -18.14 -36.16 -9.17
N ALA B 493 -18.79 -36.37 -10.31
CA ALA B 493 -18.42 -37.49 -11.18
C ALA B 493 -16.99 -37.35 -11.69
N ALA B 494 -16.60 -36.13 -12.09
CA ALA B 494 -15.24 -35.94 -12.57
C ALA B 494 -14.22 -36.00 -11.45
N ALA B 495 -14.58 -35.53 -10.25
CA ALA B 495 -13.68 -35.69 -9.11
C ALA B 495 -13.44 -37.16 -8.81
N GLN B 496 -14.48 -37.98 -8.92
CA GLN B 496 -14.31 -39.42 -8.80
C GLN B 496 -13.43 -39.96 -9.92
N ALA B 497 -13.64 -39.49 -11.15
CA ALA B 497 -12.88 -39.99 -12.28
C ALA B 497 -11.40 -39.65 -12.18
N ALA B 498 -11.07 -38.53 -11.54
CA ALA B 498 -9.68 -38.09 -11.40
C ALA B 498 -9.01 -38.61 -10.14
N GLY B 499 -9.74 -39.34 -9.30
CA GLY B 499 -9.16 -39.86 -8.06
C GLY B 499 -8.78 -38.80 -7.05
N ILE B 500 -9.56 -37.73 -6.97
CA ILE B 500 -9.34 -36.67 -5.99
C ILE B 500 -10.48 -36.55 -5.00
N HIS B 501 -11.62 -37.19 -5.25
CA HIS B 501 -12.84 -36.95 -4.49
C HIS B 501 -12.69 -37.36 -3.03
N ASP B 502 -11.98 -38.48 -2.78
CA ASP B 502 -11.77 -38.92 -1.40
C ASP B 502 -10.98 -37.88 -0.62
N ALA B 503 -9.95 -37.29 -1.24
CA ALA B 503 -9.17 -36.27 -0.56
C ALA B 503 -10.00 -35.01 -0.30
N ILE B 504 -10.97 -34.71 -1.17
CA ILE B 504 -11.90 -33.63 -0.87
C ILE B 504 -12.74 -33.97 0.35
N MET B 505 -13.22 -35.22 0.43
CA MET B 505 -13.93 -35.65 1.63
C MET B 505 -13.04 -35.61 2.87
N ALA B 506 -11.71 -35.72 2.71
CA ALA B 506 -10.82 -35.62 3.86
C ALA B 506 -10.86 -34.23 4.50
N PHE B 507 -11.07 -33.19 3.69
CA PHE B 507 -11.17 -31.85 4.24
C PHE B 507 -12.43 -31.72 5.10
N PRO B 508 -12.38 -30.94 6.20
CA PRO B 508 -13.52 -30.90 7.13
C PRO B 508 -14.80 -30.37 6.50
N GLU B 509 -14.75 -29.16 5.96
CA GLU B 509 -15.95 -28.60 5.33
C GLU B 509 -16.30 -29.32 4.04
N GLY B 510 -15.31 -29.80 3.31
CA GLY B 510 -15.56 -30.54 2.07
C GLY B 510 -15.65 -29.61 0.86
N TYR B 511 -16.85 -29.49 0.30
CA TYR B 511 -17.06 -28.69 -0.91
C TYR B 511 -17.15 -27.19 -0.63
N ARG B 512 -17.12 -26.79 0.64
CA ARG B 512 -17.04 -25.38 1.00
C ARG B 512 -15.66 -25.00 1.52
N THR B 513 -14.69 -25.90 1.42
CA THR B 513 -13.36 -25.64 1.98
C THR B 513 -12.69 -24.48 1.27
N GLN B 514 -12.09 -23.58 2.05
CA GLN B 514 -11.34 -22.47 1.49
C GLN B 514 -10.00 -22.97 0.98
N VAL B 515 -9.66 -22.61 -0.25
CA VAL B 515 -8.47 -23.11 -0.94
C VAL B 515 -7.60 -21.94 -1.35
N GLY B 516 -6.30 -22.19 -1.41
CA GLY B 516 -5.36 -21.17 -1.84
C GLY B 516 -4.66 -20.47 -0.70
N GLU B 517 -4.26 -19.22 -0.93
CA GLU B 517 -3.59 -18.46 0.12
C GLU B 517 -4.50 -18.23 1.32
N ARG B 518 -5.76 -17.89 1.06
CA ARG B 518 -6.71 -17.67 2.15
C ARG B 518 -6.97 -18.96 2.92
N GLY B 519 -7.10 -20.07 2.22
CA GLY B 519 -7.35 -21.36 2.84
C GLY B 519 -6.08 -22.13 3.11
N LEU B 520 -6.24 -23.45 3.25
CA LEU B 520 -5.12 -24.33 3.51
C LEU B 520 -4.31 -24.56 2.23
N LYS B 521 -3.09 -25.03 2.40
CA LYS B 521 -2.23 -25.35 1.28
C LYS B 521 -2.50 -26.78 0.79
N LEU B 522 -2.11 -27.05 -0.45
CA LEU B 522 -2.35 -28.33 -1.09
C LEU B 522 -1.04 -28.93 -1.55
N SER B 523 -0.97 -30.27 -1.53
CA SER B 523 0.19 -30.99 -2.00
C SER B 523 0.18 -31.08 -3.53
N GLY B 524 1.23 -31.66 -4.09
CA GLY B 524 1.36 -31.74 -5.54
C GLY B 524 0.29 -32.58 -6.22
N GLY B 525 0.09 -33.81 -5.73
CA GLY B 525 -0.89 -34.68 -6.34
C GLY B 525 -2.28 -34.10 -6.32
N GLU B 526 -2.61 -33.36 -5.26
CA GLU B 526 -3.93 -32.75 -5.15
C GLU B 526 -4.18 -31.76 -6.30
N LYS B 527 -3.23 -30.85 -6.53
CA LYS B 527 -3.45 -29.83 -7.55
C LYS B 527 -3.33 -30.41 -8.95
N GLN B 528 -2.42 -31.38 -9.15
CA GLN B 528 -2.40 -32.05 -10.45
C GLN B 528 -3.71 -32.77 -10.73
N ARG B 529 -4.30 -33.39 -9.70
CA ARG B 529 -5.56 -34.08 -9.89
C ARG B 529 -6.72 -33.11 -10.12
N VAL B 530 -6.71 -31.94 -9.47
CA VAL B 530 -7.77 -30.98 -9.72
C VAL B 530 -7.66 -30.43 -11.14
N ALA B 531 -6.43 -30.26 -11.63
CA ALA B 531 -6.26 -29.88 -13.03
C ALA B 531 -6.79 -30.96 -13.96
N ILE B 532 -6.52 -32.23 -13.65
CA ILE B 532 -7.08 -33.33 -14.43
C ILE B 532 -8.61 -33.28 -14.40
N ALA B 533 -9.17 -32.97 -13.23
CA ALA B 533 -10.62 -32.92 -13.11
C ALA B 533 -11.21 -31.84 -14.00
N ARG B 534 -10.65 -30.63 -13.95
CA ARG B 534 -11.23 -29.56 -14.75
C ARG B 534 -11.03 -29.80 -16.25
N THR B 535 -9.90 -30.37 -16.64
CA THR B 535 -9.74 -30.68 -18.05
C THR B 535 -10.64 -31.84 -18.48
N ILE B 536 -11.06 -32.69 -17.53
CA ILE B 536 -12.11 -33.65 -17.83
C ILE B 536 -13.44 -32.92 -18.06
N LEU B 537 -13.72 -31.93 -17.22
CA LEU B 537 -14.97 -31.17 -17.39
C LEU B 537 -15.02 -30.49 -18.75
N LYS B 538 -13.90 -29.90 -19.18
CA LYS B 538 -13.90 -29.16 -20.43
C LYS B 538 -14.25 -30.05 -21.62
N ALA B 539 -13.95 -31.34 -21.54
CA ALA B 539 -14.21 -32.32 -22.60
C ALA B 539 -13.56 -31.88 -23.91
N PRO B 540 -12.23 -31.85 -23.99
CA PRO B 540 -11.58 -31.37 -25.21
C PRO B 540 -11.30 -32.50 -26.19
N GLY B 541 -10.72 -32.16 -27.34
CA GLY B 541 -10.33 -33.15 -28.31
C GLY B 541 -8.84 -33.39 -28.37
N ILE B 542 -8.05 -32.31 -28.27
CA ILE B 542 -6.60 -32.39 -28.22
C ILE B 542 -6.17 -32.06 -26.79
N ILE B 543 -5.27 -32.88 -26.24
CA ILE B 543 -4.75 -32.68 -24.91
C ILE B 543 -3.29 -32.25 -25.05
N LEU B 544 -3.02 -30.96 -24.83
CA LEU B 544 -1.66 -30.43 -24.87
C LEU B 544 -0.97 -30.67 -23.53
N LEU B 545 -0.76 -31.96 -23.24
CA LEU B 545 -0.16 -32.34 -21.97
C LEU B 545 1.24 -31.77 -21.83
N ASP B 546 1.53 -31.23 -20.65
CA ASP B 546 2.85 -30.69 -20.32
C ASP B 546 3.18 -31.21 -18.93
N GLU B 547 3.89 -32.34 -18.87
CA GLU B 547 4.12 -33.03 -17.61
C GLU B 547 4.90 -32.16 -16.64
N ALA B 548 4.46 -32.17 -15.38
CA ALA B 548 5.11 -31.39 -14.33
C ALA B 548 6.39 -32.07 -13.88
N THR B 549 7.34 -31.25 -13.44
CA THR B 549 8.61 -31.72 -12.91
C THR B 549 8.65 -31.73 -11.40
N SER B 550 7.50 -31.57 -10.74
CA SER B 550 7.46 -31.54 -9.28
C SER B 550 7.85 -32.89 -8.71
N ALA B 551 8.72 -32.86 -7.70
CA ALA B 551 9.18 -34.09 -7.05
C ALA B 551 8.11 -34.61 -6.11
N LEU B 552 7.83 -35.91 -6.19
CA LEU B 552 6.83 -36.54 -5.36
C LEU B 552 7.11 -38.04 -5.30
N ASP B 553 6.39 -38.73 -4.43
CA ASP B 553 6.55 -40.17 -4.28
C ASP B 553 6.19 -40.88 -5.59
N THR B 554 6.91 -41.96 -5.88
CA THR B 554 6.73 -42.66 -7.15
C THR B 554 5.36 -43.33 -7.25
N SER B 555 4.77 -43.73 -6.12
CA SER B 555 3.46 -44.36 -6.16
C SER B 555 2.39 -43.37 -6.62
N ASN B 556 2.34 -42.19 -5.99
CA ASN B 556 1.41 -41.16 -6.43
C ASN B 556 1.72 -40.68 -7.84
N GLU B 557 3.01 -40.63 -8.19
CA GLU B 557 3.39 -40.23 -9.54
C GLU B 557 2.86 -41.21 -10.57
N ARG B 558 2.99 -42.51 -10.31
CA ARG B 558 2.50 -43.50 -11.27
C ARG B 558 0.98 -43.54 -11.29
N ALA B 559 0.33 -43.27 -10.16
CA ALA B 559 -1.13 -43.12 -10.19
C ALA B 559 -1.53 -41.93 -11.05
N ILE B 560 -0.80 -40.82 -10.95
CA ILE B 560 -1.09 -39.64 -11.76
C ILE B 560 -0.89 -39.95 -13.24
N GLN B 561 0.20 -40.64 -13.57
CA GLN B 561 0.46 -41.01 -14.96
C GLN B 561 -0.60 -41.96 -15.49
N ALA B 562 -1.08 -42.88 -14.66
CA ALA B 562 -2.19 -43.74 -15.07
C ALA B 562 -3.44 -42.92 -15.34
N SER B 563 -3.72 -41.93 -14.49
CA SER B 563 -4.90 -41.09 -14.71
C SER B 563 -4.76 -40.32 -16.01
N LEU B 564 -3.56 -39.82 -16.30
CA LEU B 564 -3.31 -39.21 -17.60
C LEU B 564 -3.57 -40.19 -18.72
N ALA B 565 -3.12 -41.44 -18.55
CA ALA B 565 -3.30 -42.45 -19.59
C ALA B 565 -4.77 -42.72 -19.88
N LYS B 566 -5.59 -42.84 -18.83
CA LYS B 566 -7.01 -43.04 -19.13
C LYS B 566 -7.75 -41.76 -19.48
N VAL B 567 -7.15 -40.58 -19.31
CA VAL B 567 -7.82 -39.36 -19.73
C VAL B 567 -7.35 -38.97 -21.12
N CYS B 568 -6.15 -39.37 -21.50
CA CYS B 568 -5.64 -39.11 -22.84
C CYS B 568 -6.05 -40.16 -23.85
N ALA B 569 -6.73 -41.23 -23.40
CA ALA B 569 -7.15 -42.28 -24.31
C ALA B 569 -8.18 -41.76 -25.31
N ASN B 570 -8.07 -42.23 -26.55
CA ASN B 570 -8.98 -41.85 -27.64
C ASN B 570 -8.98 -40.34 -27.86
N ARG B 571 -7.81 -39.72 -27.72
CA ARG B 571 -7.69 -38.27 -27.89
C ARG B 571 -6.28 -37.96 -28.37
N THR B 572 -6.19 -37.06 -29.35
CA THR B 572 -4.88 -36.61 -29.82
C THR B 572 -4.10 -35.97 -28.69
N THR B 573 -2.84 -36.36 -28.53
CA THR B 573 -2.05 -35.94 -27.39
C THR B 573 -0.67 -35.52 -27.83
N ILE B 574 -0.15 -34.46 -27.19
CA ILE B 574 1.23 -34.04 -27.33
C ILE B 574 1.82 -33.96 -25.93
N VAL B 575 2.85 -34.75 -25.67
CA VAL B 575 3.40 -34.91 -24.33
C VAL B 575 4.78 -34.29 -24.28
N VAL B 576 5.05 -33.53 -23.21
CA VAL B 576 6.34 -32.91 -22.97
C VAL B 576 6.80 -33.34 -21.59
N ALA B 577 7.95 -34.03 -21.54
CA ALA B 577 8.47 -34.53 -20.28
C ALA B 577 9.94 -34.86 -20.44
N HIS B 578 10.62 -34.98 -19.30
CA HIS B 578 12.00 -35.45 -19.24
C HIS B 578 12.10 -36.90 -18.78
N ARG B 579 10.97 -37.59 -18.62
CA ARG B 579 10.94 -38.91 -18.01
C ARG B 579 10.97 -40.01 -19.07
N LEU B 580 11.22 -41.24 -18.61
CA LEU B 580 11.23 -42.40 -19.47
C LEU B 580 9.83 -42.89 -19.81
N SER B 581 8.87 -42.65 -18.92
CA SER B 581 7.53 -43.23 -19.07
C SER B 581 6.85 -42.75 -20.35
N THR B 582 6.93 -41.44 -20.62
CA THR B 582 6.35 -40.93 -21.85
C THR B 582 7.12 -41.40 -23.07
N VAL B 583 8.45 -41.51 -22.94
CA VAL B 583 9.29 -41.86 -24.09
C VAL B 583 9.00 -43.29 -24.54
N VAL B 584 8.88 -44.23 -23.59
CA VAL B 584 8.85 -45.64 -23.95
C VAL B 584 7.59 -46.01 -24.72
N ASN B 585 6.44 -45.46 -24.33
CA ASN B 585 5.17 -45.88 -24.88
C ASN B 585 4.63 -44.95 -25.95
N ALA B 586 5.37 -43.88 -26.29
CA ALA B 586 4.87 -42.92 -27.27
C ALA B 586 4.89 -43.53 -28.66
N ASP B 587 4.24 -42.82 -29.59
CA ASP B 587 4.16 -43.25 -30.98
C ASP B 587 5.16 -42.56 -31.90
N GLN B 588 5.63 -41.36 -31.55
CA GLN B 588 6.56 -40.64 -32.41
C GLN B 588 7.35 -39.68 -31.53
N ILE B 589 8.62 -40.03 -31.27
CA ILE B 589 9.49 -39.22 -30.43
C ILE B 589 10.22 -38.21 -31.31
N LEU B 590 10.26 -36.97 -30.85
CA LEU B 590 10.96 -35.89 -31.56
C LEU B 590 11.98 -35.25 -30.63
N VAL B 591 13.13 -34.91 -31.17
CA VAL B 591 14.22 -34.29 -30.41
C VAL B 591 14.51 -32.93 -31.03
N ILE B 592 14.67 -31.92 -30.18
CA ILE B 592 14.90 -30.54 -30.61
C ILE B 592 16.25 -30.09 -30.08
N LYS B 593 17.07 -29.53 -30.97
CA LYS B 593 18.36 -28.96 -30.60
C LYS B 593 18.39 -27.51 -31.09
N ASP B 594 18.46 -26.57 -30.15
CA ASP B 594 18.39 -25.15 -30.46
C ASP B 594 17.16 -24.83 -31.28
N GLY B 595 16.04 -25.46 -30.93
CA GLY B 595 14.80 -25.29 -31.64
C GLY B 595 14.80 -25.82 -33.06
N CYS B 596 15.49 -26.94 -33.29
CA CYS B 596 15.54 -27.56 -34.60
C CYS B 596 15.49 -29.07 -34.44
N ILE B 597 14.76 -29.73 -35.34
CA ILE B 597 14.60 -31.18 -35.28
C ILE B 597 15.88 -31.84 -35.78
N VAL B 598 16.51 -32.63 -34.91
CA VAL B 598 17.71 -33.37 -35.29
C VAL B 598 17.47 -34.87 -35.42
N GLU B 599 16.59 -35.44 -34.60
CA GLU B 599 16.30 -36.87 -34.63
C GLU B 599 14.80 -37.07 -34.77
N ARG B 600 14.43 -37.98 -35.67
CA ARG B 600 13.03 -38.26 -35.97
C ARG B 600 12.81 -39.77 -36.01
N GLY B 601 11.61 -40.19 -35.59
CA GLY B 601 11.26 -41.60 -35.67
C GLY B 601 10.58 -42.15 -34.44
N ARG B 602 10.97 -43.37 -34.04
CA ARG B 602 10.38 -44.10 -32.94
C ARG B 602 11.42 -44.27 -31.83
N HIS B 603 10.99 -44.90 -30.74
CA HIS B 603 11.85 -45.08 -29.57
C HIS B 603 13.06 -45.96 -29.89
N GLU B 604 12.82 -47.12 -30.52
CA GLU B 604 13.90 -48.07 -30.71
C GLU B 604 14.91 -47.60 -31.76
N ALA B 605 14.46 -46.90 -32.80
CA ALA B 605 15.39 -46.37 -33.79
C ALA B 605 16.29 -45.32 -33.17
N LEU B 606 15.73 -44.44 -32.34
CA LEU B 606 16.53 -43.45 -31.63
C LEU B 606 17.48 -44.10 -30.64
N LEU B 607 17.05 -45.19 -30.01
CA LEU B 607 17.94 -45.94 -29.13
C LEU B 607 19.12 -46.52 -29.90
N SER B 608 18.86 -47.09 -31.07
CA SER B 608 19.92 -47.72 -31.86
C SER B 608 20.84 -46.69 -32.49
N ARG B 609 20.34 -45.48 -32.76
CA ARG B 609 21.16 -44.47 -33.42
C ARG B 609 22.32 -43.98 -32.56
N GLY B 610 22.28 -44.23 -31.24
CA GLY B 610 23.27 -43.65 -30.35
C GLY B 610 22.98 -42.23 -29.94
N GLY B 611 21.72 -41.82 -29.99
CA GLY B 611 21.31 -40.48 -29.65
C GLY B 611 20.67 -40.40 -28.28
N VAL B 612 19.34 -40.45 -28.23
CA VAL B 612 18.56 -40.37 -27.01
C VAL B 612 19.04 -41.37 -25.96
N TYR B 613 19.77 -42.40 -26.38
CA TYR B 613 20.33 -43.36 -25.45
C TYR B 613 21.29 -42.69 -24.47
N ALA B 614 22.26 -41.94 -25.00
CA ALA B 614 23.22 -41.26 -24.14
C ALA B 614 22.55 -40.20 -23.28
N ASP B 615 21.60 -39.46 -23.85
CA ASP B 615 20.89 -38.44 -23.09
C ASP B 615 20.11 -39.04 -21.94
N MET B 616 19.43 -40.16 -22.19
CA MET B 616 18.65 -40.81 -21.13
C MET B 616 19.58 -41.36 -20.05
N TRP B 617 20.74 -41.90 -20.44
CA TRP B 617 21.63 -42.47 -19.44
C TRP B 617 22.38 -41.40 -18.64
N GLN B 618 22.58 -40.22 -19.22
CA GLN B 618 23.34 -39.18 -18.54
C GLN B 618 22.45 -38.24 -17.72
N LEU B 619 21.27 -37.88 -18.25
CA LEU B 619 20.45 -36.86 -17.59
C LEU B 619 19.87 -37.38 -16.28
N GLN B 620 19.28 -38.58 -16.30
CA GLN B 620 18.56 -39.09 -15.14
C GLN B 620 19.41 -40.03 -14.27
N GLN B 621 20.64 -40.31 -14.66
CA GLN B 621 21.51 -41.19 -13.88
C GLN B 621 22.87 -40.54 -13.63
N CYS C 2 -4.74 20.66 2.67
CA CYS C 2 -4.87 19.76 3.81
C CYS C 2 -3.44 19.50 4.21
N GLU C 3 -2.87 18.52 3.52
CA GLU C 3 -1.46 18.17 3.70
C GLU C 3 -0.66 19.32 3.14
N CYS C 4 -3.65 15.40 1.74
CA CYS C 4 -4.26 14.78 0.57
C CYS C 4 -3.28 14.95 -0.59
N GLY C 5 -2.41 13.95 -0.77
CA GLY C 5 -1.37 13.96 -1.83
C GLY C 5 -0.60 12.66 -1.81
N CYS D 2 -15.49 14.56 4.72
CA CYS D 2 -14.17 13.92 4.98
C CYS D 2 -14.09 13.13 6.28
N GLU D 3 -14.32 11.82 6.14
CA GLU D 3 -14.64 11.26 4.83
C GLU D 3 -15.90 10.46 4.97
N CYS D 4 -9.81 10.20 4.59
CA CYS D 4 -9.49 10.29 6.03
C CYS D 4 -10.26 9.21 6.80
N GLY D 5 -9.67 8.75 7.90
CA GLY D 5 -10.33 7.72 8.71
C GLY D 5 -9.52 6.44 8.63
#